data_5O4H
#
_entry.id   5O4H
#
_cell.length_a   73.168
_cell.length_b   77.736
_cell.length_c   100.991
_cell.angle_alpha   90.00
_cell.angle_beta   110.87
_cell.angle_gamma   90.00
#
_symmetry.space_group_name_H-M   'P 1 21 1'
#
loop_
_entity.id
_entity.type
_entity.pdbx_description
1 polymer HcgC
2 non-polymer S-ADENOSYL-L-HOMOCYSTEINE
3 non-polymer 'SULFATE ION'
4 non-polymer 'ACETATE ION'
5 non-polymer 2-{2-[2-(2-{2-[2-(2-ETHOXY-ETHOXY)-ETHOXY]-ETHOXY}-ETHOXY)-ETHOXY]-ETHOXY}-ETHANOL
6 non-polymer 'SODIUM ION'
7 water water
#
_entity_poly.entity_id   1
_entity_poly.type   'polypeptide(L)'
_entity_poly.pdbx_seq_one_letter_code
;MNYGITESVKTTRSKIKIKDIVSDVVEKKANAIKYFLEGEEFKQAIVFGAYLSGSYIAYSLLKDCEEVIIVDIQPHLKDI
LFNDGIKFMDLNKLQLELRNGTSINPDLVIDLTGIGGVSPDLISKFNPKVLIVEDPKGNHDKGISKIDNTDKRLCVGAKK
GVLKTYRSSKFSKTSGTMTLVVDIIMDSCREINELDSVLYTIPNLKYFEGTVFHEKNVKKFLTELNMSAITVSSIDHVEY
ELEEILSKNISRVDSFVKEFDKLAAALEHHHHHH
;
_entity_poly.pdbx_strand_id   A,B,C,D
#
# COMPACT_ATOMS: atom_id res chain seq x y z
N GLY A 4 2.42 -14.69 24.30
CA GLY A 4 2.26 -13.25 24.53
C GLY A 4 1.72 -12.91 25.91
N ILE A 5 0.62 -12.16 25.95
CA ILE A 5 -0.02 -11.76 27.22
C ILE A 5 -0.65 -13.01 27.88
N THR A 6 -1.17 -13.95 27.05
CA THR A 6 -1.78 -15.21 27.49
C THR A 6 -1.29 -16.32 26.55
N GLU A 7 -1.63 -17.58 26.86
CA GLU A 7 -1.25 -18.74 26.04
C GLU A 7 -2.13 -18.91 24.77
N SER A 8 -3.14 -18.03 24.58
CA SER A 8 -4.03 -18.08 23.41
C SER A 8 -3.37 -17.38 22.22
N VAL A 9 -2.35 -16.57 22.50
CA VAL A 9 -1.63 -15.81 21.49
C VAL A 9 -0.17 -16.24 21.48
N LYS A 10 0.38 -16.41 20.29
CA LYS A 10 1.77 -16.80 20.07
C LYS A 10 2.60 -15.59 19.70
N THR A 11 3.85 -15.55 20.17
CA THR A 11 4.79 -14.49 19.86
C THR A 11 5.88 -15.21 19.09
N THR A 12 6.21 -14.72 17.90
CA THR A 12 7.22 -15.31 17.04
C THR A 12 8.23 -14.26 16.62
N ARG A 13 9.50 -14.52 16.86
CA ARG A 13 10.59 -13.61 16.50
C ARG A 13 11.23 -14.22 15.25
N SER A 14 11.50 -13.42 14.25
CA SER A 14 12.11 -13.98 13.03
C SER A 14 13.50 -14.55 13.30
N LYS A 15 13.83 -15.64 12.60
CA LYS A 15 15.15 -16.29 12.69
C LYS A 15 16.13 -15.33 12.02
N ILE A 16 15.69 -14.64 10.95
CA ILE A 16 16.51 -13.66 10.23
C ILE A 16 16.68 -12.45 11.15
N LYS A 17 17.92 -12.08 11.39
CA LYS A 17 18.28 -10.96 12.23
C LYS A 17 18.58 -9.76 11.37
N ILE A 18 18.59 -8.59 11.95
CA ILE A 18 18.89 -7.36 11.20
C ILE A 18 20.28 -7.51 10.58
N LYS A 19 21.26 -8.03 11.32
CA LYS A 19 22.62 -8.19 10.80
C LYS A 19 22.70 -9.10 9.57
N ASP A 20 21.80 -10.07 9.45
CA ASP A 20 21.77 -10.98 8.31
C ASP A 20 21.35 -10.22 7.06
N ILE A 21 20.42 -9.28 7.22
CA ILE A 21 19.94 -8.46 6.11
C ILE A 21 21.07 -7.53 5.71
N VAL A 22 21.71 -6.90 6.69
CA VAL A 22 22.84 -6.00 6.42
C VAL A 22 23.92 -6.79 5.67
N SER A 23 24.25 -8.00 6.15
CA SER A 23 25.24 -8.86 5.53
C SER A 23 24.93 -9.15 4.07
N ASP A 24 23.67 -9.50 3.79
CA ASP A 24 23.26 -9.81 2.42
C ASP A 24 23.47 -8.60 1.50
N VAL A 25 23.10 -7.39 1.97
CA VAL A 25 23.23 -6.18 1.16
C VAL A 25 24.67 -5.82 0.92
N VAL A 26 25.49 -5.77 1.98
CA VAL A 26 26.92 -5.41 1.83
C VAL A 26 27.64 -6.40 0.91
N GLU A 27 27.31 -7.71 1.02
CA GLU A 27 27.93 -8.73 0.19
C GLU A 27 27.57 -8.51 -1.28
N LYS A 28 26.32 -8.12 -1.56
CA LYS A 28 25.89 -7.86 -2.94
C LYS A 28 26.67 -6.66 -3.52
N LYS A 29 26.88 -5.62 -2.71
CA LYS A 29 27.64 -4.43 -3.15
C LYS A 29 29.11 -4.83 -3.40
N ALA A 30 29.70 -5.62 -2.49
CA ALA A 30 31.09 -6.06 -2.66
C ALA A 30 31.24 -6.94 -3.91
N ASN A 31 30.29 -7.82 -4.15
CA ASN A 31 30.33 -8.69 -5.33
C ASN A 31 30.16 -7.91 -6.60
N ALA A 32 29.33 -6.85 -6.58
CA ALA A 32 29.14 -6.03 -7.76
C ALA A 32 30.48 -5.37 -8.13
N ILE A 33 31.23 -4.89 -7.11
CA ILE A 33 32.54 -4.26 -7.35
C ILE A 33 33.49 -5.34 -7.84
N LYS A 34 33.52 -6.51 -7.18
CA LYS A 34 34.41 -7.60 -7.59
C LYS A 34 34.23 -7.92 -9.08
N TYR A 35 32.99 -8.12 -9.54
CA TYR A 35 32.74 -8.47 -10.93
C TYR A 35 33.13 -7.36 -11.87
N PHE A 36 32.98 -6.11 -11.46
CA PHE A 36 33.40 -5.01 -12.31
C PHE A 36 34.92 -4.94 -12.43
N LEU A 37 35.66 -5.26 -11.37
CA LEU A 37 37.13 -5.19 -11.41
C LEU A 37 37.77 -6.29 -12.25
N GLU A 38 37.03 -7.35 -12.57
CA GLU A 38 37.50 -8.45 -13.42
C GLU A 38 38.84 -9.06 -13.04
N GLY A 39 39.06 -9.18 -11.73
CA GLY A 39 40.29 -9.75 -11.21
C GLY A 39 41.53 -8.91 -11.30
N GLU A 40 41.43 -7.62 -11.67
CA GLU A 40 42.60 -6.76 -11.79
C GLU A 40 43.26 -6.59 -10.42
N GLU A 41 44.59 -6.51 -10.40
CA GLU A 41 45.36 -6.34 -9.18
C GLU A 41 45.77 -4.89 -9.09
N PHE A 42 45.77 -4.36 -7.86
CA PHE A 42 46.11 -2.98 -7.58
C PHE A 42 47.12 -2.87 -6.46
N LYS A 43 47.98 -1.85 -6.53
CA LYS A 43 48.99 -1.61 -5.52
C LYS A 43 48.40 -0.86 -4.33
N GLN A 44 47.50 0.07 -4.59
CA GLN A 44 46.90 0.85 -3.50
C GLN A 44 45.47 1.25 -3.81
N ALA A 45 44.54 0.79 -2.98
CA ALA A 45 43.14 1.11 -3.10
C ALA A 45 42.77 2.04 -1.97
N ILE A 46 41.98 3.07 -2.27
CA ILE A 46 41.50 4.02 -1.27
C ILE A 46 39.99 3.96 -1.35
N VAL A 47 39.35 3.67 -0.23
CA VAL A 47 37.90 3.58 -0.13
C VAL A 47 37.44 4.72 0.78
N PHE A 48 36.55 5.62 0.30
CA PHE A 48 36.04 6.71 1.13
C PHE A 48 34.69 6.29 1.70
N GLY A 49 34.56 6.35 3.03
CA GLY A 49 33.30 5.99 3.69
C GLY A 49 33.29 4.60 4.28
N ALA A 50 33.57 4.51 5.60
CA ALA A 50 33.63 3.23 6.31
C ALA A 50 32.26 2.66 6.64
N TYR A 51 31.30 3.51 6.99
CA TYR A 51 29.97 3.06 7.33
C TYR A 51 29.10 3.08 6.05
N LEU A 52 28.28 2.07 5.75
CA LEU A 52 28.10 0.81 6.47
C LEU A 52 28.78 -0.30 5.65
N SER A 53 28.66 -0.28 4.32
CA SER A 53 29.27 -1.33 3.51
CA SER A 53 29.28 -1.32 3.48
C SER A 53 30.76 -1.16 3.27
N GLY A 54 31.31 0.03 3.54
CA GLY A 54 32.72 0.29 3.34
C GLY A 54 33.66 -0.68 4.01
N SER A 55 33.36 -1.06 5.25
CA SER A 55 34.19 -2.00 6.01
C SER A 55 34.34 -3.35 5.27
N TYR A 56 33.24 -3.97 4.87
CA TYR A 56 33.30 -5.24 4.17
C TYR A 56 33.88 -5.06 2.76
N ILE A 57 33.53 -3.96 2.07
CA ILE A 57 34.08 -3.72 0.74
C ILE A 57 35.61 -3.65 0.84
N ALA A 58 36.15 -2.87 1.80
CA ALA A 58 37.61 -2.77 1.98
C ALA A 58 38.20 -4.15 2.25
N TYR A 59 37.55 -4.94 3.13
CA TYR A 59 38.01 -6.30 3.43
C TYR A 59 38.05 -7.13 2.11
N SER A 60 37.02 -7.02 1.27
CA SER A 60 36.94 -7.78 0.00
C SER A 60 38.03 -7.42 -1.01
N LEU A 61 38.62 -6.24 -0.89
CA LEU A 61 39.70 -5.81 -1.79
C LEU A 61 41.07 -6.32 -1.37
N LEU A 62 41.22 -6.82 -0.13
CA LEU A 62 42.50 -7.32 0.36
C LEU A 62 43.12 -8.40 -0.49
N LYS A 63 42.28 -9.26 -1.10
CA LYS A 63 42.77 -10.34 -1.94
C LYS A 63 43.57 -9.85 -3.15
N ASP A 64 43.06 -8.86 -3.90
CA ASP A 64 43.73 -8.32 -5.09
C ASP A 64 44.43 -6.99 -4.93
N CYS A 65 44.35 -6.32 -3.77
CA CYS A 65 45.02 -5.03 -3.55
C CYS A 65 46.11 -5.17 -2.51
N GLU A 66 47.33 -4.72 -2.82
CA GLU A 66 48.45 -4.82 -1.88
C GLU A 66 48.20 -4.00 -0.63
N GLU A 67 47.63 -2.81 -0.79
CA GLU A 67 47.33 -1.90 0.32
C GLU A 67 45.92 -1.41 0.14
N VAL A 68 45.12 -1.46 1.20
CA VAL A 68 43.73 -1.02 1.19
C VAL A 68 43.63 -0.01 2.30
N ILE A 69 43.22 1.21 1.98
CA ILE A 69 43.08 2.30 2.94
C ILE A 69 41.63 2.74 2.96
N ILE A 70 41.05 2.83 4.16
CA ILE A 70 39.68 3.30 4.34
C ILE A 70 39.89 4.74 4.80
N VAL A 71 39.16 5.69 4.22
CA VAL A 71 39.23 7.08 4.61
C VAL A 71 37.87 7.48 5.15
N ASP A 72 37.84 8.10 6.32
CA ASP A 72 36.57 8.57 6.88
C ASP A 72 36.78 9.88 7.57
N ILE A 73 35.78 10.75 7.46
CA ILE A 73 35.79 12.07 8.09
C ILE A 73 35.62 11.90 9.62
N GLN A 74 35.05 10.77 10.09
CA GLN A 74 34.86 10.48 11.51
C GLN A 74 35.97 9.55 12.00
N PRO A 75 36.94 10.00 12.80
CA PRO A 75 38.00 9.08 13.25
C PRO A 75 37.57 7.85 14.03
N HIS A 76 36.48 7.94 14.83
CA HIS A 76 36.00 6.80 15.61
C HIS A 76 35.53 5.62 14.72
N LEU A 77 35.27 5.84 13.41
CA LEU A 77 34.85 4.79 12.53
C LEU A 77 35.96 3.76 12.25
N LYS A 78 37.17 3.94 12.80
CA LYS A 78 38.23 2.94 12.65
C LYS A 78 37.69 1.67 13.34
N ASP A 79 36.81 1.84 14.39
CA ASP A 79 36.18 0.77 15.15
C ASP A 79 35.26 -0.15 14.33
N ILE A 80 34.79 0.29 13.16
CA ILE A 80 33.91 -0.56 12.33
C ILE A 80 34.73 -1.49 11.42
N LEU A 81 36.06 -1.37 11.41
CA LEU A 81 36.92 -2.24 10.60
C LEU A 81 37.17 -3.49 11.44
N PHE A 82 37.01 -4.66 10.85
CA PHE A 82 37.20 -5.96 11.54
C PHE A 82 38.44 -6.72 11.08
N ASN A 83 39.30 -6.09 10.27
CA ASN A 83 40.51 -6.72 9.77
C ASN A 83 41.65 -5.72 9.93
N ASP A 84 42.71 -6.13 10.65
CA ASP A 84 43.87 -5.26 10.88
C ASP A 84 44.69 -4.98 9.62
N GLY A 85 44.42 -5.72 8.53
CA GLY A 85 45.11 -5.53 7.25
C GLY A 85 44.67 -4.25 6.55
N ILE A 86 43.52 -3.67 6.94
CA ILE A 86 43.02 -2.43 6.33
C ILE A 86 43.56 -1.24 7.10
N LYS A 87 44.14 -0.29 6.39
CA LYS A 87 44.71 0.91 6.99
C LYS A 87 43.55 1.92 7.10
N PHE A 88 43.44 2.63 8.22
CA PHE A 88 42.38 3.61 8.41
C PHE A 88 43.08 4.95 8.41
N MET A 89 42.53 5.94 7.73
CA MET A 89 43.11 7.27 7.66
C MET A 89 41.98 8.26 7.78
N ASP A 90 42.08 9.28 8.68
CA ASP A 90 40.96 10.22 8.74
C ASP A 90 41.11 11.17 7.53
N LEU A 91 40.03 11.85 7.12
CA LEU A 91 40.07 12.74 5.97
C LEU A 91 41.14 13.83 6.05
N ASN A 92 41.33 14.45 7.21
CA ASN A 92 42.34 15.52 7.39
C ASN A 92 43.75 15.03 7.07
N LYS A 93 44.12 13.82 7.53
CA LYS A 93 45.44 13.27 7.27
C LYS A 93 45.58 12.98 5.77
N LEU A 94 44.53 12.43 5.14
CA LEU A 94 44.59 12.14 3.70
C LEU A 94 44.87 13.43 2.90
N GLN A 95 44.11 14.50 3.18
CA GLN A 95 44.22 15.81 2.52
C GLN A 95 45.61 16.42 2.73
N LEU A 96 46.18 16.28 3.94
CA LEU A 96 47.50 16.82 4.20
C LEU A 96 48.57 16.02 3.46
N GLU A 97 48.42 14.68 3.43
CA GLU A 97 49.36 13.75 2.77
C GLU A 97 49.36 13.92 1.24
N LEU A 98 48.21 14.29 0.67
CA LEU A 98 48.09 14.50 -0.77
C LEU A 98 48.86 15.73 -1.21
N ARG A 99 48.72 16.78 -0.41
CA ARG A 99 49.38 18.06 -0.65
C ARG A 99 50.86 18.08 -0.28
N ASN A 100 51.24 17.47 0.88
CA ASN A 100 52.63 17.46 1.36
C ASN A 100 53.49 16.20 1.21
N GLY A 101 52.90 15.07 0.83
CA GLY A 101 53.64 13.82 0.68
C GLY A 101 53.52 13.14 -0.66
N THR A 102 54.09 11.94 -0.74
CA THR A 102 54.08 11.12 -1.95
C THR A 102 53.57 9.68 -1.69
N SER A 103 53.10 9.36 -0.46
CA SER A 103 52.62 8.02 -0.14
C SER A 103 51.22 7.70 -0.67
N ILE A 104 50.42 8.74 -1.00
CA ILE A 104 49.07 8.56 -1.51
C ILE A 104 49.06 8.75 -3.03
N ASN A 105 48.91 7.64 -3.76
CA ASN A 105 48.84 7.63 -5.21
C ASN A 105 48.09 6.34 -5.58
N PRO A 106 46.79 6.31 -5.29
CA PRO A 106 46.02 5.11 -5.57
C PRO A 106 45.74 4.78 -7.02
N ASP A 107 45.74 3.48 -7.32
CA ASP A 107 45.43 2.97 -8.66
C ASP A 107 43.94 2.55 -8.67
N LEU A 108 43.30 2.44 -7.48
CA LEU A 108 41.89 2.12 -7.35
C LEU A 108 41.30 3.10 -6.34
N VAL A 109 40.26 3.82 -6.72
CA VAL A 109 39.59 4.76 -5.82
C VAL A 109 38.11 4.37 -5.79
N ILE A 110 37.53 4.23 -4.60
CA ILE A 110 36.11 3.88 -4.45
C ILE A 110 35.48 4.89 -3.51
N ASP A 111 34.47 5.64 -3.99
CA ASP A 111 33.77 6.63 -3.17
C ASP A 111 32.41 6.08 -2.77
N LEU A 112 32.22 5.79 -1.47
CA LEU A 112 30.96 5.26 -0.94
C LEU A 112 30.27 6.27 0.00
N THR A 113 30.69 7.53 -0.03
CA THR A 113 30.16 8.55 0.88
C THR A 113 28.75 9.02 0.59
N GLY A 114 28.29 8.95 -0.65
CA GLY A 114 26.94 9.38 -0.95
C GLY A 114 26.68 10.87 -0.81
N ILE A 115 25.43 11.20 -0.47
CA ILE A 115 24.95 12.58 -0.35
C ILE A 115 25.74 13.39 0.64
N GLY A 116 26.23 14.54 0.20
CA GLY A 116 27.02 15.46 1.01
C GLY A 116 28.39 14.92 1.41
N GLY A 117 28.87 13.93 0.66
CA GLY A 117 30.15 13.29 0.91
C GLY A 117 31.38 13.93 0.30
N VAL A 118 32.26 13.12 -0.21
CA VAL A 118 33.51 13.58 -0.81
C VAL A 118 33.27 14.52 -1.99
N SER A 119 34.12 15.55 -2.10
CA SER A 119 33.96 16.52 -3.17
C SER A 119 34.63 16.09 -4.44
N PRO A 120 34.09 16.49 -5.62
CA PRO A 120 34.76 16.16 -6.87
C PRO A 120 36.18 16.73 -6.90
N ASP A 121 36.42 17.86 -6.19
CA ASP A 121 37.74 18.50 -6.10
C ASP A 121 38.76 17.54 -5.48
N LEU A 122 38.39 16.82 -4.41
CA LEU A 122 39.32 15.87 -3.79
C LEU A 122 39.54 14.70 -4.73
N ILE A 123 38.46 14.18 -5.35
CA ILE A 123 38.61 13.04 -6.28
C ILE A 123 39.53 13.42 -7.45
N SER A 124 39.42 14.67 -7.94
CA SER A 124 40.25 15.16 -9.06
C SER A 124 41.76 15.14 -8.78
N LYS A 125 42.19 15.00 -7.51
CA LYS A 125 43.60 14.96 -7.15
C LYS A 125 44.23 13.60 -7.43
N PHE A 126 43.40 12.57 -7.70
CA PHE A 126 43.89 11.23 -7.97
C PHE A 126 43.96 10.96 -9.45
N ASN A 127 44.73 9.94 -9.84
CA ASN A 127 44.87 9.52 -11.23
C ASN A 127 44.90 8.00 -11.18
N PRO A 128 43.78 7.37 -10.80
CA PRO A 128 43.77 5.91 -10.70
C PRO A 128 43.49 5.18 -12.00
N LYS A 129 43.73 3.89 -12.02
CA LYS A 129 43.42 3.05 -13.18
C LYS A 129 41.90 2.88 -13.19
N VAL A 130 41.31 2.73 -11.99
CA VAL A 130 39.86 2.55 -11.85
C VAL A 130 39.26 3.45 -10.76
N LEU A 131 38.11 4.07 -11.09
CA LEU A 131 37.36 4.90 -10.18
C LEU A 131 35.96 4.36 -10.12
N ILE A 132 35.44 4.11 -8.91
CA ILE A 132 34.06 3.64 -8.71
C ILE A 132 33.42 4.62 -7.77
N VAL A 133 32.25 5.17 -8.13
CA VAL A 133 31.53 6.09 -7.27
C VAL A 133 30.18 5.46 -6.98
N GLU A 134 29.79 5.38 -5.72
CA GLU A 134 28.49 4.80 -5.39
C GLU A 134 27.44 5.87 -5.61
N ASP A 135 26.39 5.50 -6.34
CA ASP A 135 25.29 6.39 -6.63
C ASP A 135 24.32 6.23 -5.45
N PRO A 136 24.10 7.28 -4.63
CA PRO A 136 23.18 7.15 -3.49
C PRO A 136 21.71 7.16 -3.87
N LYS A 137 21.40 7.51 -5.10
CA LYS A 137 20.01 7.56 -5.54
C LYS A 137 19.39 6.23 -5.71
N GLY A 138 18.14 6.15 -5.28
CA GLY A 138 17.34 4.96 -5.40
C GLY A 138 16.33 5.33 -6.45
N ASN A 139 15.08 5.24 -6.12
CA ASN A 139 14.08 5.58 -7.08
C ASN A 139 13.94 7.10 -7.19
N HIS A 140 13.38 7.58 -8.26
CA HIS A 140 13.33 9.02 -8.52
C HIS A 140 12.66 9.89 -7.48
N ASP A 141 13.40 10.95 -7.10
CA ASP A 141 12.93 11.94 -6.15
C ASP A 141 13.59 13.27 -6.63
N LYS A 142 12.78 14.27 -6.96
CA LYS A 142 13.30 15.56 -7.44
C LYS A 142 14.30 16.21 -6.50
N GLY A 143 13.99 16.24 -5.22
CA GLY A 143 14.86 16.82 -4.21
C GLY A 143 16.20 16.12 -4.12
N ILE A 144 16.18 14.79 -4.10
CA ILE A 144 17.41 14.00 -4.01
C ILE A 144 18.23 14.11 -5.32
N SER A 145 17.59 14.07 -6.51
CA SER A 145 18.33 14.19 -7.78
C SER A 145 19.00 15.54 -7.88
N LYS A 146 18.42 16.58 -7.24
CA LYS A 146 19.02 17.92 -7.28
C LYS A 146 20.31 18.02 -6.44
N ILE A 147 20.35 17.47 -5.23
CA ILE A 147 21.54 17.51 -4.36
C ILE A 147 22.61 16.50 -4.76
N ASP A 148 22.22 15.45 -5.49
CA ASP A 148 23.16 14.43 -5.92
C ASP A 148 24.17 14.98 -6.92
N ASN A 149 25.45 14.62 -6.77
CA ASN A 149 26.49 15.09 -7.72
C ASN A 149 27.39 13.93 -8.15
N THR A 150 26.83 12.71 -8.20
CA THR A 150 27.58 11.51 -8.58
C THR A 150 28.33 11.71 -9.89
N ASP A 151 27.66 12.22 -10.91
CA ASP A 151 28.30 12.43 -12.22
C ASP A 151 29.50 13.37 -12.14
N LYS A 152 29.44 14.40 -11.28
CA LYS A 152 30.57 15.33 -11.15
C LYS A 152 31.74 14.64 -10.45
N ARG A 153 31.49 13.63 -9.60
CA ARG A 153 32.55 12.91 -8.91
C ARG A 153 33.27 11.94 -9.83
N LEU A 154 32.64 11.49 -10.90
CA LEU A 154 33.26 10.54 -11.86
C LEU A 154 34.09 11.40 -12.81
N CYS A 155 35.19 12.01 -12.32
CA CYS A 155 36.05 12.92 -13.08
C CYS A 155 37.49 12.44 -13.34
N VAL A 156 37.87 11.24 -12.86
CA VAL A 156 39.22 10.71 -13.06
C VAL A 156 39.11 9.21 -13.28
N GLY A 157 40.21 8.61 -13.70
CA GLY A 157 40.29 7.18 -13.93
C GLY A 157 40.16 6.72 -15.37
N ALA A 158 40.99 5.75 -15.76
CA ALA A 158 40.98 5.20 -17.11
C ALA A 158 39.71 4.37 -17.31
N LYS A 159 39.21 3.72 -16.24
CA LYS A 159 37.98 2.93 -16.25
C LYS A 159 37.14 3.51 -15.12
N LYS A 160 35.90 3.86 -15.42
CA LYS A 160 34.98 4.46 -14.44
C LYS A 160 33.71 3.67 -14.31
N GLY A 161 33.21 3.55 -13.09
CA GLY A 161 31.98 2.82 -12.84
C GLY A 161 31.15 3.47 -11.76
N VAL A 162 29.84 3.28 -11.83
CA VAL A 162 28.89 3.80 -10.85
C VAL A 162 28.22 2.61 -10.20
N LEU A 163 28.34 2.47 -8.86
CA LEU A 163 27.74 1.37 -8.13
C LEU A 163 26.31 1.75 -7.79
N LYS A 164 25.37 0.96 -8.30
CA LYS A 164 23.94 1.17 -8.12
C LYS A 164 23.32 0.02 -7.40
N THR A 165 22.40 0.28 -6.47
CA THR A 165 21.76 -0.78 -5.70
C THR A 165 20.28 -0.43 -5.53
N TYR A 166 19.42 -1.33 -5.92
CA TYR A 166 17.96 -1.16 -5.86
C TYR A 166 17.28 -2.42 -5.38
N ARG A 167 15.99 -2.30 -5.09
CA ARG A 167 15.18 -3.45 -4.70
C ARG A 167 14.29 -3.62 -5.91
N SER A 168 14.46 -4.74 -6.60
CA SER A 168 13.68 -5.03 -7.79
C SER A 168 12.21 -4.98 -7.49
N SER A 169 11.46 -4.21 -8.28
CA SER A 169 10.01 -4.03 -8.16
C SER A 169 9.52 -3.46 -6.87
N LYS A 170 10.39 -2.82 -6.07
CA LYS A 170 10.00 -2.21 -4.84
C LYS A 170 10.57 -0.83 -4.78
N PHE A 171 9.96 -0.04 -3.95
CA PHE A 171 10.25 1.35 -3.74
C PHE A 171 11.25 1.72 -2.63
N SER A 172 12.39 2.37 -2.98
CA SER A 172 13.39 2.81 -2.00
C SER A 172 13.92 4.13 -2.48
N LYS A 173 14.06 5.10 -1.56
CA LYS A 173 14.55 6.43 -1.90
C LYS A 173 16.03 6.49 -2.12
N THR A 174 16.81 5.58 -1.52
CA THR A 174 18.25 5.60 -1.69
C THR A 174 18.77 4.18 -1.79
N SER A 175 20.04 4.09 -2.13
CA SER A 175 20.76 2.82 -2.27
C SER A 175 21.56 2.53 -0.99
N GLY A 176 21.44 3.40 0.04
CA GLY A 176 22.17 3.23 1.30
C GLY A 176 21.86 1.89 1.94
N THR A 177 22.88 1.19 2.43
CA THR A 177 22.69 -0.13 3.03
C THR A 177 21.64 -0.16 4.10
N MET A 178 21.77 0.67 5.13
CA MET A 178 20.79 0.66 6.23
C MET A 178 19.38 1.03 5.78
N THR A 179 19.23 1.92 4.83
CA THR A 179 17.91 2.32 4.29
C THR A 179 17.29 1.15 3.55
N LEU A 180 18.08 0.42 2.74
CA LEU A 180 17.59 -0.77 2.05
C LEU A 180 17.14 -1.82 3.08
N VAL A 181 17.89 -1.96 4.18
CA VAL A 181 17.53 -2.91 5.24
C VAL A 181 16.23 -2.48 5.89
N VAL A 182 16.10 -1.19 6.22
CA VAL A 182 14.91 -0.66 6.83
C VAL A 182 13.71 -0.92 5.91
N ASP A 183 13.86 -0.61 4.61
CA ASP A 183 12.80 -0.80 3.63
C ASP A 183 12.39 -2.27 3.47
N ILE A 184 13.35 -3.21 3.51
CA ILE A 184 13.03 -4.65 3.43
C ILE A 184 12.18 -5.03 4.62
N ILE A 185 12.57 -4.56 5.80
CA ILE A 185 11.84 -4.90 7.02
C ILE A 185 10.45 -4.28 7.02
N MET A 186 10.34 -3.02 6.62
CA MET A 186 9.06 -2.30 6.58
C MET A 186 8.12 -2.96 5.60
N ASP A 187 8.58 -3.25 4.38
CA ASP A 187 7.72 -3.92 3.38
C ASP A 187 7.31 -5.29 3.84
N SER A 188 8.25 -6.01 4.52
CA SER A 188 7.95 -7.36 5.03
C SER A 188 6.84 -7.27 6.09
N CYS A 189 6.93 -6.31 7.02
CA CYS A 189 5.89 -6.11 8.06
C CYS A 189 4.52 -5.90 7.47
N ARG A 190 4.44 -5.05 6.45
CA ARG A 190 3.16 -4.76 5.82
C ARG A 190 2.50 -6.01 5.30
N GLU A 191 3.27 -6.89 4.66
CA GLU A 191 2.73 -8.14 4.12
C GLU A 191 2.43 -9.17 5.22
N ILE A 192 3.29 -9.26 6.22
CA ILE A 192 3.09 -10.20 7.33
C ILE A 192 1.82 -9.86 8.10
N ASN A 193 1.55 -8.56 8.28
CA ASN A 193 0.37 -8.14 8.99
C ASN A 193 -0.92 -8.64 8.35
N GLU A 194 -0.91 -8.85 7.01
CA GLU A 194 -2.08 -9.36 6.28
C GLU A 194 -2.23 -10.89 6.33
N LEU A 195 -1.33 -11.62 7.01
CA LEU A 195 -1.48 -13.08 7.13
C LEU A 195 -2.63 -13.33 8.09
N ASP A 196 -3.45 -14.34 7.81
CA ASP A 196 -4.57 -14.62 8.70
C ASP A 196 -4.06 -14.93 10.09
N SER A 197 -4.79 -14.50 11.11
CA SER A 197 -4.53 -14.70 12.54
C SER A 197 -3.50 -13.76 13.13
N VAL A 198 -2.81 -12.93 12.34
CA VAL A 198 -1.82 -12.02 12.90
C VAL A 198 -2.54 -10.85 13.60
N LEU A 199 -2.14 -10.54 14.83
CA LEU A 199 -2.71 -9.45 15.63
C LEU A 199 -1.93 -8.20 15.33
N TYR A 200 -0.61 -8.30 15.37
CA TYR A 200 0.26 -7.20 15.09
C TYR A 200 1.64 -7.69 14.72
N THR A 201 2.37 -6.82 14.05
CA THR A 201 3.70 -7.08 13.55
C THR A 201 4.58 -5.92 13.91
N ILE A 202 5.68 -6.18 14.59
CA ILE A 202 6.55 -5.08 14.96
C ILE A 202 7.92 -5.21 14.39
N PRO A 203 8.40 -4.18 13.62
CA PRO A 203 9.76 -4.22 13.09
C PRO A 203 10.67 -3.77 14.26
N ASN A 204 11.82 -4.42 14.46
CA ASN A 204 12.71 -4.05 15.55
C ASN A 204 13.62 -3.04 14.94
N LEU A 205 13.20 -1.79 14.97
CA LEU A 205 13.98 -0.72 14.38
C LEU A 205 14.16 0.45 15.32
N LYS A 206 15.22 1.20 15.03
CA LYS A 206 15.59 2.34 15.80
C LYS A 206 16.50 3.21 14.96
N TYR A 207 16.84 4.37 15.51
CA TYR A 207 17.70 5.31 14.84
C TYR A 207 19.15 4.83 14.96
N PHE A 208 19.53 3.91 14.07
CA PHE A 208 20.88 3.31 14.05
C PHE A 208 21.98 4.34 13.93
N GLU A 209 21.78 5.38 13.13
CA GLU A 209 22.79 6.42 12.96
C GLU A 209 23.05 7.14 14.22
N GLY A 210 22.07 7.20 15.11
CA GLY A 210 22.27 7.85 16.39
C GLY A 210 23.34 7.12 17.16
N THR A 211 23.31 5.78 17.12
CA THR A 211 24.32 5.01 17.85
C THR A 211 25.70 5.17 17.23
N VAL A 212 25.75 5.07 15.92
CA VAL A 212 27.00 5.16 15.19
C VAL A 212 27.64 6.50 15.17
N PHE A 213 26.88 7.52 14.82
CA PHE A 213 27.39 8.89 14.66
C PHE A 213 27.20 9.88 15.79
N HIS A 214 26.22 9.69 16.66
CA HIS A 214 26.01 10.64 17.78
C HIS A 214 26.58 10.05 19.04
N GLU A 215 26.24 8.79 19.37
CA GLU A 215 26.79 8.15 20.56
C GLU A 215 28.24 7.72 20.29
N LYS A 216 28.63 7.57 18.98
CA LYS A 216 29.98 7.16 18.56
C LYS A 216 30.33 5.81 19.21
N ASN A 217 29.40 4.84 19.20
CA ASN A 217 29.60 3.51 19.79
C ASN A 217 29.31 2.42 18.77
N VAL A 218 30.35 2.06 18.02
CA VAL A 218 30.24 1.03 17.00
C VAL A 218 29.86 -0.32 17.59
N LYS A 219 30.46 -0.68 18.72
CA LYS A 219 30.15 -1.97 19.34
C LYS A 219 28.68 -2.07 19.70
N LYS A 220 28.12 -1.00 20.24
CA LYS A 220 26.72 -0.99 20.62
C LYS A 220 25.85 -1.14 19.38
N PHE A 221 26.22 -0.46 18.30
CA PHE A 221 25.45 -0.55 17.05
C PHE A 221 25.46 -1.99 16.56
N LEU A 222 26.62 -2.65 16.57
CA LEU A 222 26.71 -4.05 16.11
C LEU A 222 25.83 -4.94 16.97
N THR A 223 25.73 -4.67 18.28
CA THR A 223 24.88 -5.43 19.20
C THR A 223 23.43 -5.20 18.82
N GLU A 224 23.06 -3.96 18.46
CA GLU A 224 21.70 -3.62 18.07
C GLU A 224 21.27 -4.38 16.79
N LEU A 225 22.22 -4.73 15.89
CA LEU A 225 21.89 -5.47 14.67
C LEU A 225 21.70 -6.94 14.98
N ASN A 226 22.22 -7.39 16.11
CA ASN A 226 22.14 -8.79 16.52
C ASN A 226 20.84 -9.11 17.21
N MET A 227 19.77 -8.98 16.49
CA MET A 227 18.43 -9.25 16.99
C MET A 227 17.45 -9.45 15.85
N SER A 228 16.35 -10.13 16.13
CA SER A 228 15.33 -10.41 15.12
C SER A 228 14.85 -9.21 14.39
N ALA A 229 14.71 -9.36 13.11
CA ALA A 229 14.22 -8.24 12.32
C ALA A 229 12.76 -7.91 12.65
N ILE A 230 11.93 -8.91 12.90
CA ILE A 230 10.51 -8.74 13.18
C ILE A 230 10.00 -9.65 14.25
N THR A 231 9.03 -9.15 15.01
CA THR A 231 8.34 -9.89 16.06
C THR A 231 6.88 -9.86 15.63
N VAL A 232 6.23 -11.01 15.65
CA VAL A 232 4.83 -11.13 15.27
C VAL A 232 4.01 -11.71 16.41
N SER A 233 2.80 -11.18 16.58
CA SER A 233 1.83 -11.66 17.58
C SER A 233 0.73 -12.28 16.74
N SER A 234 0.39 -13.55 16.96
CA SER A 234 -0.64 -14.19 16.15
C SER A 234 -1.33 -15.33 16.88
N ILE A 235 -2.47 -15.78 16.35
CA ILE A 235 -3.21 -16.89 16.98
C ILE A 235 -2.65 -18.20 16.41
N ASP A 236 -2.32 -18.23 15.11
CA ASP A 236 -1.78 -19.42 14.45
C ASP A 236 -0.29 -19.33 14.20
N HIS A 237 0.33 -20.47 13.85
CA HIS A 237 1.77 -20.48 13.56
C HIS A 237 1.99 -19.71 12.27
N VAL A 238 2.96 -18.80 12.25
CA VAL A 238 3.29 -17.96 11.06
C VAL A 238 4.81 -18.01 10.74
N GLU A 239 5.59 -18.91 11.37
CA GLU A 239 7.05 -19.00 11.16
C GLU A 239 7.48 -19.15 9.73
N TYR A 240 6.83 -20.04 9.01
CA TYR A 240 7.18 -20.28 7.62
C TYR A 240 6.96 -19.02 6.77
N GLU A 241 5.77 -18.39 6.89
CA GLU A 241 5.46 -17.18 6.14
C GLU A 241 6.33 -16.01 6.50
N LEU A 242 6.65 -15.88 7.77
CA LEU A 242 7.49 -14.81 8.26
C LEU A 242 8.85 -14.86 7.56
N GLU A 243 9.49 -16.04 7.57
CA GLU A 243 10.80 -16.18 6.93
C GLU A 243 10.72 -16.05 5.41
N GLU A 244 9.67 -16.61 4.78
CA GLU A 244 9.49 -16.53 3.32
C GLU A 244 9.36 -15.09 2.83
N ILE A 245 8.55 -14.27 3.52
CA ILE A 245 8.34 -12.87 3.16
C ILE A 245 9.62 -12.09 3.30
N LEU A 246 10.29 -12.25 4.42
CA LEU A 246 11.54 -11.54 4.59
C LEU A 246 12.55 -11.97 3.55
N SER A 247 12.73 -13.30 3.34
CA SER A 247 13.72 -13.83 2.38
C SER A 247 13.44 -13.33 0.97
N LYS A 248 12.18 -13.31 0.57
CA LYS A 248 11.80 -12.82 -0.76
C LYS A 248 12.20 -11.36 -0.89
N ASN A 249 11.94 -10.55 0.16
CA ASN A 249 12.29 -9.13 0.10
C ASN A 249 13.83 -8.92 0.06
N ILE A 250 14.58 -9.77 0.74
CA ILE A 250 16.04 -9.64 0.72
C ILE A 250 16.55 -9.97 -0.69
N SER A 251 15.97 -11.04 -1.31
CA SER A 251 16.37 -11.48 -2.65
C SER A 251 16.15 -10.43 -3.72
N ARG A 252 15.25 -9.46 -3.47
CA ARG A 252 14.98 -8.42 -4.46
C ARG A 252 16.14 -7.44 -4.60
N VAL A 253 17.05 -7.37 -3.61
CA VAL A 253 18.19 -6.43 -3.69
C VAL A 253 19.07 -6.82 -4.86
N ASP A 254 19.39 -5.84 -5.73
CA ASP A 254 20.21 -6.05 -6.89
C ASP A 254 21.24 -4.92 -6.93
N SER A 255 22.51 -5.26 -6.94
CA SER A 255 23.60 -4.30 -6.97
C SER A 255 24.47 -4.58 -8.18
N PHE A 256 24.88 -3.51 -8.86
CA PHE A 256 25.73 -3.66 -10.04
C PHE A 256 26.50 -2.40 -10.29
N VAL A 257 27.66 -2.52 -10.93
CA VAL A 257 28.46 -1.35 -11.28
C VAL A 257 28.20 -1.13 -12.75
N LYS A 258 27.70 0.05 -13.11
CA LYS A 258 27.45 0.40 -14.49
C LYS A 258 28.69 1.10 -15.00
N GLU A 259 29.31 0.56 -16.03
CA GLU A 259 30.50 1.18 -16.57
C GLU A 259 30.14 2.52 -17.26
N PHE A 260 30.91 3.57 -17.01
CA PHE A 260 30.68 4.87 -17.60
C PHE A 260 31.71 4.99 -18.71
N ASP A 261 31.29 4.81 -19.97
CA ASP A 261 32.20 4.87 -21.11
C ASP A 261 32.89 6.22 -21.34
N LYS A 262 34.22 6.15 -21.52
CA LYS A 262 35.08 7.30 -21.77
C LYS A 262 36.22 6.77 -22.65
N LEU A 263 36.12 6.96 -23.99
CA LEU A 263 37.14 6.49 -24.92
C LEU A 263 38.46 7.22 -24.73
N GLU B 7 21.86 22.25 0.95
CA GLU B 7 23.05 21.48 0.61
C GLU B 7 23.48 20.50 1.74
N SER B 8 22.56 20.15 2.67
CA SER B 8 22.87 19.24 3.78
C SER B 8 21.77 18.22 4.04
N VAL B 9 22.10 17.01 4.61
CA VAL B 9 21.07 16.02 4.90
C VAL B 9 20.64 16.38 6.32
N LYS B 10 19.33 16.48 6.54
CA LYS B 10 18.74 16.81 7.83
C LYS B 10 18.18 15.55 8.49
N THR B 11 18.29 15.44 9.80
CA THR B 11 17.76 14.34 10.58
C THR B 11 16.73 15.00 11.47
N THR B 12 15.50 14.51 11.45
CA THR B 12 14.41 15.07 12.24
C THR B 12 13.74 13.97 13.05
N ARG B 13 13.60 14.19 14.34
CA ARG B 13 12.94 13.26 15.24
C ARG B 13 11.57 13.87 15.52
N SER B 14 10.50 13.06 15.49
CA SER B 14 9.18 13.62 15.73
C SER B 14 9.07 14.14 17.16
N LYS B 15 8.32 15.21 17.31
CA LYS B 15 8.05 15.82 18.63
C LYS B 15 7.08 14.86 19.30
N ILE B 16 6.17 14.25 18.51
CA ILE B 16 5.22 13.28 19.05
C ILE B 16 6.02 12.03 19.47
N LYS B 17 5.84 11.61 20.72
CA LYS B 17 6.48 10.46 21.28
C LYS B 17 5.53 9.31 21.28
N ILE B 18 6.04 8.08 21.39
CA ILE B 18 5.19 6.90 21.40
C ILE B 18 4.16 7.06 22.54
N LYS B 19 4.59 7.53 23.72
CA LYS B 19 3.69 7.74 24.87
C LYS B 19 2.54 8.70 24.58
N ASP B 20 2.75 9.68 23.68
CA ASP B 20 1.71 10.65 23.31
C ASP B 20 0.63 9.95 22.49
N ILE B 21 1.02 9.00 21.64
CA ILE B 21 0.08 8.25 20.81
C ILE B 21 -0.70 7.33 21.74
N VAL B 22 -0.01 6.66 22.65
CA VAL B 22 -0.65 5.78 23.62
C VAL B 22 -1.69 6.62 24.39
N SER B 23 -1.26 7.78 24.88
CA SER B 23 -2.14 8.68 25.64
C SER B 23 -3.40 9.05 24.87
N ASP B 24 -3.25 9.41 23.61
CA ASP B 24 -4.38 9.79 22.78
C ASP B 24 -5.39 8.64 22.58
N VAL B 25 -4.89 7.41 22.39
CA VAL B 25 -5.75 6.24 22.21
C VAL B 25 -6.47 5.90 23.51
N VAL B 26 -5.73 5.81 24.62
CA VAL B 26 -6.34 5.48 25.90
C VAL B 26 -7.41 6.53 26.29
N GLU B 27 -7.15 7.82 26.01
CA GLU B 27 -8.08 8.90 26.31
C GLU B 27 -9.36 8.74 25.51
N LYS B 28 -9.26 8.31 24.25
CA LYS B 28 -10.44 8.09 23.41
C LYS B 28 -11.29 6.95 23.96
N LYS B 29 -10.65 5.88 24.44
CA LYS B 29 -11.35 4.74 25.03
C LYS B 29 -12.03 5.18 26.33
N ALA B 30 -11.32 5.94 27.17
CA ALA B 30 -11.90 6.43 28.42
C ALA B 30 -13.10 7.35 28.15
N ASN B 31 -12.99 8.24 27.16
CA ASN B 31 -14.08 9.15 26.82
C ASN B 31 -15.26 8.40 26.25
N ALA B 32 -15.02 7.31 25.50
CA ALA B 32 -16.12 6.51 24.94
C ALA B 32 -16.92 5.89 26.11
N ILE B 33 -16.22 5.40 27.14
CA ILE B 33 -16.86 4.82 28.32
C ILE B 33 -17.62 5.94 29.05
N LYS B 34 -16.97 7.09 29.26
CA LYS B 34 -17.60 8.20 29.94
C LYS B 34 -18.93 8.57 29.27
N TYR B 35 -18.90 8.73 27.94
CA TYR B 35 -20.09 9.09 27.18
C TYR B 35 -21.21 8.07 27.37
N PHE B 36 -20.86 6.77 27.36
CA PHE B 36 -21.83 5.71 27.53
C PHE B 36 -22.44 5.68 28.92
N LEU B 37 -21.66 6.00 29.96
CA LEU B 37 -22.15 5.99 31.33
C LEU B 37 -23.11 7.13 31.64
N GLU B 38 -23.15 8.18 30.80
CA GLU B 38 -24.06 9.33 30.94
C GLU B 38 -24.08 9.97 32.33
N GLY B 39 -22.91 10.07 32.93
CA GLY B 39 -22.76 10.68 34.25
C GLY B 39 -23.29 9.89 35.43
N GLU B 40 -23.63 8.60 35.24
CA GLU B 40 -24.14 7.77 36.35
C GLU B 40 -23.04 7.59 37.41
N GLU B 41 -23.45 7.57 38.68
CA GLU B 41 -22.55 7.39 39.81
C GLU B 41 -22.65 5.96 40.27
N PHE B 42 -21.51 5.40 40.67
CA PHE B 42 -21.39 4.02 41.12
C PHE B 42 -20.68 3.92 42.45
N LYS B 43 -21.03 2.90 43.24
CA LYS B 43 -20.42 2.67 44.54
C LYS B 43 -19.13 1.88 44.39
N GLN B 44 -19.09 0.93 43.46
CA GLN B 44 -17.91 0.12 43.26
C GLN B 44 -17.75 -0.34 41.83
N ALA B 45 -16.65 0.08 41.20
CA ALA B 45 -16.35 -0.29 39.83
C ALA B 45 -15.19 -1.27 39.86
N ILE B 46 -15.27 -2.33 39.04
CA ILE B 46 -14.20 -3.33 38.93
C ILE B 46 -13.80 -3.33 37.46
N VAL B 47 -12.52 -3.09 37.20
CA VAL B 47 -11.97 -3.06 35.85
C VAL B 47 -11.02 -4.24 35.73
N PHE B 48 -11.23 -5.14 34.76
CA PHE B 48 -10.34 -6.29 34.57
C PHE B 48 -9.36 -5.93 33.45
N GLY B 49 -8.07 -6.05 33.72
CA GLY B 49 -7.03 -5.77 32.73
C GLY B 49 -6.41 -4.40 32.89
N ALA B 50 -5.25 -4.35 33.54
CA ALA B 50 -4.52 -3.11 33.78
C ALA B 50 -3.76 -2.60 32.57
N TYR B 51 -3.17 -3.50 31.78
CA TYR B 51 -2.43 -3.11 30.60
C TYR B 51 -3.37 -3.12 29.39
N LEU B 52 -3.36 -2.12 28.50
CA LEU B 52 -2.55 -0.89 28.55
C LEU B 52 -3.48 0.26 28.91
N SER B 53 -4.71 0.29 28.39
CA SER B 53 -5.68 1.36 28.68
C SER B 53 -6.34 1.28 30.02
N GLY B 54 -6.29 0.11 30.66
CA GLY B 54 -6.92 -0.10 31.96
C GLY B 54 -6.53 0.90 33.03
N SER B 55 -5.25 1.21 33.11
CA SER B 55 -4.75 2.15 34.11
C SER B 55 -5.45 3.52 34.01
N TYR B 56 -5.46 4.11 32.82
CA TYR B 56 -6.10 5.42 32.62
C TYR B 56 -7.62 5.31 32.74
N ILE B 57 -8.21 4.22 32.22
CA ILE B 57 -9.68 4.05 32.33
C ILE B 57 -10.06 4.02 33.81
N ALA B 58 -9.35 3.24 34.64
CA ALA B 58 -9.63 3.18 36.09
C ALA B 58 -9.50 4.58 36.70
N TYR B 59 -8.44 5.31 36.33
CA TYR B 59 -8.26 6.68 36.82
C TYR B 59 -9.48 7.55 36.43
N SER B 60 -9.97 7.42 35.20
CA SER B 60 -11.12 8.20 34.71
C SER B 60 -12.43 7.92 35.44
N LEU B 61 -12.55 6.76 36.08
CA LEU B 61 -13.75 6.41 36.82
C LEU B 61 -13.76 6.97 38.24
N LEU B 62 -12.61 7.44 38.76
CA LEU B 62 -12.51 7.97 40.10
C LEU B 62 -13.48 9.09 40.39
N LYS B 63 -13.77 9.94 39.40
CA LYS B 63 -14.69 11.06 39.55
C LYS B 63 -16.11 10.63 39.95
N ASP B 64 -16.70 9.65 39.24
CA ASP B 64 -18.06 9.19 39.51
C ASP B 64 -18.19 7.87 40.27
N CYS B 65 -17.09 7.17 40.59
CA CYS B 65 -17.15 5.92 41.33
C CYS B 65 -16.52 6.07 42.70
N GLU B 66 -17.23 5.68 43.77
CA GLU B 66 -16.71 5.78 45.14
C GLU B 66 -15.48 4.92 45.34
N GLU B 67 -15.46 3.74 44.74
CA GLU B 67 -14.34 2.81 44.83
C GLU B 67 -14.06 2.27 43.44
N VAL B 68 -12.79 2.27 43.02
CA VAL B 68 -12.35 1.77 41.72
C VAL B 68 -11.32 0.69 42.01
N ILE B 69 -11.56 -0.53 41.51
CA ILE B 69 -10.64 -1.65 41.70
C ILE B 69 -10.18 -2.17 40.34
N ILE B 70 -8.86 -2.33 40.15
CA ILE B 70 -8.30 -2.87 38.92
C ILE B 70 -7.95 -4.30 39.30
N VAL B 71 -8.31 -5.26 38.45
CA VAL B 71 -8.01 -6.66 38.67
C VAL B 71 -7.12 -7.14 37.55
N ASP B 72 -6.02 -7.81 37.90
CA ASP B 72 -5.14 -8.35 36.87
C ASP B 72 -4.59 -9.68 37.31
N ILE B 73 -4.45 -10.58 36.35
CA ILE B 73 -3.92 -11.93 36.58
C ILE B 73 -2.40 -11.83 36.87
N GLN B 74 -1.74 -10.75 36.45
CA GLN B 74 -0.31 -10.53 36.68
C GLN B 74 -0.13 -9.57 37.86
N PRO B 75 0.31 -10.03 39.04
CA PRO B 75 0.48 -9.11 40.17
C PRO B 75 1.41 -7.91 39.94
N HIS B 76 2.48 -8.08 39.15
CA HIS B 76 3.43 -6.99 38.89
C HIS B 76 2.80 -5.80 38.15
N LEU B 77 1.62 -5.99 37.52
CA LEU B 77 0.95 -4.90 36.84
C LEU B 77 0.40 -3.82 37.79
N LYS B 78 0.53 -3.99 39.13
CA LYS B 78 0.10 -2.95 40.06
C LYS B 78 1.00 -1.72 39.75
N ASP B 79 2.24 -1.97 39.25
CA ASP B 79 3.23 -0.95 38.88
C ASP B 79 2.76 -0.03 37.75
N ILE B 80 1.76 -0.42 36.93
CA ILE B 80 1.29 0.43 35.84
C ILE B 80 0.22 1.44 36.32
N LEU B 81 -0.21 1.36 37.58
CA LEU B 81 -1.21 2.28 38.11
C LEU B 81 -0.44 3.51 38.59
N PHE B 82 -0.92 4.71 38.23
CA PHE B 82 -0.29 5.98 38.59
C PHE B 82 -1.10 6.80 39.61
N ASN B 83 -2.16 6.22 40.17
CA ASN B 83 -2.99 6.91 41.15
C ASN B 83 -3.24 5.94 42.30
N ASP B 84 -2.88 6.35 43.53
CA ASP B 84 -3.06 5.52 44.72
C ASP B 84 -4.53 5.33 45.10
N GLY B 85 -5.44 6.10 44.50
CA GLY B 85 -6.86 5.99 44.75
C GLY B 85 -7.45 4.74 44.13
N ILE B 86 -6.76 4.09 43.16
CA ILE B 86 -7.23 2.87 42.52
C ILE B 86 -6.68 1.68 43.31
N LYS B 87 -7.56 0.78 43.74
CA LYS B 87 -7.16 -0.41 44.49
C LYS B 87 -6.82 -1.51 43.49
N PHE B 88 -5.70 -2.19 43.71
CA PHE B 88 -5.29 -3.26 42.83
C PHE B 88 -5.55 -4.58 43.53
N MET B 89 -5.99 -5.56 42.79
CA MET B 89 -6.26 -6.90 43.30
C MET B 89 -5.84 -7.88 42.28
N ASP B 90 -5.09 -8.92 42.67
CA ASP B 90 -4.74 -9.89 41.65
C ASP B 90 -5.99 -10.78 41.46
N LEU B 91 -6.08 -11.49 40.33
CA LEU B 91 -7.24 -12.34 40.03
C LEU B 91 -7.54 -13.38 41.13
N ASN B 92 -6.52 -14.03 41.69
CA ASN B 92 -6.71 -15.03 42.75
C ASN B 92 -7.32 -14.40 44.01
N LYS B 93 -6.87 -13.19 44.39
CA LYS B 93 -7.39 -12.47 45.56
C LYS B 93 -8.85 -12.04 45.34
N LEU B 94 -9.23 -11.73 44.08
CA LEU B 94 -10.62 -11.33 43.76
C LEU B 94 -11.49 -12.57 43.92
N GLN B 95 -11.07 -13.67 43.28
CA GLN B 95 -11.81 -14.94 43.32
C GLN B 95 -11.95 -15.46 44.75
N LEU B 96 -10.94 -15.23 45.60
CA LEU B 96 -10.97 -15.66 47.00
C LEU B 96 -12.01 -14.82 47.75
N GLU B 97 -11.93 -13.49 47.59
CA GLU B 97 -12.85 -12.55 48.24
C GLU B 97 -14.31 -12.71 47.78
N LEU B 98 -14.55 -13.20 46.54
CA LEU B 98 -15.89 -13.41 46.02
C LEU B 98 -16.54 -14.61 46.71
N ARG B 99 -15.78 -15.70 46.84
CA ARG B 99 -16.25 -16.94 47.46
C ARG B 99 -16.44 -16.84 48.96
N ASN B 100 -15.42 -16.34 49.68
CA ASN B 100 -15.43 -16.21 51.14
C ASN B 100 -15.83 -14.87 51.76
N GLY B 101 -15.99 -13.80 50.98
CA GLY B 101 -16.36 -12.51 51.54
C GLY B 101 -17.61 -11.90 50.94
N THR B 102 -17.89 -10.67 51.37
CA THR B 102 -19.03 -9.87 50.92
C THR B 102 -18.60 -8.46 50.44
N SER B 103 -17.29 -8.15 50.38
CA SER B 103 -16.79 -6.83 49.97
C SER B 103 -16.85 -6.59 48.46
N ILE B 104 -16.92 -7.65 47.65
CA ILE B 104 -16.98 -7.53 46.20
C ILE B 104 -18.41 -7.68 45.71
N ASN B 105 -19.01 -6.57 45.30
CA ASN B 105 -20.38 -6.53 44.76
C ASN B 105 -20.43 -5.27 43.89
N PRO B 106 -19.74 -5.30 42.74
CA PRO B 106 -19.71 -4.12 41.89
C PRO B 106 -20.99 -3.77 41.16
N ASP B 107 -21.25 -2.46 41.02
CA ASP B 107 -22.41 -1.95 40.30
C ASP B 107 -21.93 -1.58 38.87
N LEU B 108 -20.59 -1.52 38.65
CA LEU B 108 -20.03 -1.24 37.33
C LEU B 108 -18.91 -2.26 37.11
N VAL B 109 -18.97 -3.02 36.02
CA VAL B 109 -17.94 -4.01 35.69
C VAL B 109 -17.44 -3.67 34.30
N ILE B 110 -16.13 -3.58 34.13
CA ILE B 110 -15.53 -3.29 32.81
C ILE B 110 -14.47 -4.35 32.52
N ASP B 111 -14.65 -5.11 31.43
CA ASP B 111 -13.70 -6.14 31.06
C ASP B 111 -12.86 -5.64 29.87
N LEU B 112 -11.58 -5.39 30.08
CA LEU B 112 -10.66 -4.93 29.05
C LEU B 112 -9.60 -5.98 28.73
N THR B 113 -9.81 -7.22 29.13
CA THR B 113 -8.82 -8.30 28.93
C THR B 113 -8.66 -8.79 27.52
N GLY B 114 -9.68 -8.68 26.69
CA GLY B 114 -9.54 -9.13 25.32
C GLY B 114 -9.33 -10.61 25.13
N ILE B 115 -8.58 -10.96 24.08
CA ILE B 115 -8.32 -12.34 23.68
C ILE B 115 -7.68 -13.16 24.77
N GLY B 116 -8.29 -14.30 25.06
CA GLY B 116 -7.83 -15.24 26.08
C GLY B 116 -7.91 -14.70 27.51
N GLY B 117 -8.74 -13.68 27.71
CA GLY B 117 -8.94 -13.02 28.99
C GLY B 117 -9.91 -13.64 29.96
N VAL B 118 -10.66 -12.77 30.65
CA VAL B 118 -11.65 -13.18 31.64
C VAL B 118 -12.67 -14.13 31.09
N SER B 119 -13.07 -15.09 31.92
CA SER B 119 -14.06 -16.03 31.47
C SER B 119 -15.46 -15.54 31.70
N PRO B 120 -16.40 -15.92 30.82
CA PRO B 120 -17.81 -15.54 31.05
C PRO B 120 -18.29 -16.07 32.42
N ASP B 121 -17.72 -17.21 32.90
CA ASP B 121 -18.09 -17.80 34.19
C ASP B 121 -17.78 -16.83 35.34
N LEU B 122 -16.62 -16.15 35.30
CA LEU B 122 -16.30 -15.19 36.36
C LEU B 122 -17.21 -13.98 36.25
N ILE B 123 -17.45 -13.48 35.03
CA ILE B 123 -18.33 -12.32 34.84
C ILE B 123 -19.74 -12.63 35.37
N SER B 124 -20.22 -13.88 35.15
CA SER B 124 -21.55 -14.31 35.59
C SER B 124 -21.76 -14.25 37.12
N LYS B 125 -20.68 -14.12 37.92
CA LYS B 125 -20.78 -14.04 39.37
C LYS B 125 -21.19 -12.65 39.85
N PHE B 126 -21.16 -11.65 38.96
CA PHE B 126 -21.54 -10.28 39.30
C PHE B 126 -22.95 -9.97 38.89
N ASN B 127 -23.52 -8.91 39.47
CA ASN B 127 -24.86 -8.46 39.15
C ASN B 127 -24.78 -6.92 39.16
N PRO B 128 -24.06 -6.35 38.19
CA PRO B 128 -23.92 -4.90 38.17
C PRO B 128 -25.04 -4.16 37.46
N LYS B 129 -25.07 -2.84 37.63
CA LYS B 129 -26.06 -2.00 36.97
C LYS B 129 -25.59 -1.90 35.51
N VAL B 130 -24.26 -1.81 35.32
CA VAL B 130 -23.66 -1.69 34.00
C VAL B 130 -22.49 -2.62 33.81
N LEU B 131 -22.45 -3.26 32.62
CA LEU B 131 -21.37 -4.15 32.23
C LEU B 131 -20.86 -3.64 30.89
N ILE B 132 -19.55 -3.45 30.77
CA ILE B 132 -18.92 -3.01 29.52
C ILE B 132 -17.85 -4.04 29.23
N VAL B 133 -17.85 -4.59 28.01
CA VAL B 133 -16.85 -5.57 27.62
C VAL B 133 -16.13 -4.97 26.41
N GLU B 134 -14.81 -4.95 26.43
CA GLU B 134 -14.07 -4.42 25.29
C GLU B 134 -13.98 -5.50 24.25
N ASP B 135 -14.34 -5.15 23.03
CA ASP B 135 -14.28 -6.06 21.89
C ASP B 135 -12.86 -5.95 21.35
N PRO B 136 -12.03 -7.02 21.43
CA PRO B 136 -10.65 -6.93 20.90
C PRO B 136 -10.54 -6.96 19.39
N LYS B 137 -11.63 -7.29 18.70
CA LYS B 137 -11.60 -7.37 17.25
C LYS B 137 -11.56 -6.04 16.59
N GLY B 138 -10.74 -5.97 15.55
CA GLY B 138 -10.58 -4.78 14.75
C GLY B 138 -11.28 -5.12 13.47
N ASN B 139 -10.56 -5.00 12.38
CA ASN B 139 -11.15 -5.32 11.11
C ASN B 139 -11.16 -6.85 10.96
N HIS B 140 -11.94 -7.34 10.06
CA HIS B 140 -12.11 -8.76 9.94
C HIS B 140 -10.91 -9.63 9.70
N ASP B 141 -10.80 -10.67 10.53
CA ASP B 141 -9.77 -11.68 10.45
C ASP B 141 -10.45 -12.99 10.96
N LYS B 142 -10.51 -14.03 10.11
CA LYS B 142 -11.13 -15.31 10.47
C LYS B 142 -10.58 -15.94 11.73
N GLY B 143 -9.26 -15.97 11.86
CA GLY B 143 -8.60 -16.54 13.03
C GLY B 143 -8.96 -15.83 14.31
N ILE B 144 -8.90 -14.48 14.29
CA ILE B 144 -9.23 -13.66 15.46
C ILE B 144 -10.72 -13.76 15.78
N SER B 145 -11.57 -13.73 14.76
CA SER B 145 -13.02 -13.83 14.99
C SER B 145 -13.39 -15.16 15.68
N LYS B 146 -12.69 -16.23 15.32
CA LYS B 146 -12.97 -17.56 15.91
C LYS B 146 -12.61 -17.68 17.40
N ILE B 147 -11.46 -17.15 17.81
CA ILE B 147 -11.03 -17.21 19.22
C ILE B 147 -11.77 -16.19 20.12
N ASP B 148 -12.32 -15.13 19.52
CA ASP B 148 -13.03 -14.11 20.26
C ASP B 148 -14.32 -14.63 20.89
N ASN B 149 -14.63 -14.27 22.15
CA ASN B 149 -15.87 -14.70 22.83
C ASN B 149 -16.55 -13.52 23.53
N THR B 150 -16.38 -12.30 22.98
CA THR B 150 -16.96 -11.08 23.55
C THR B 150 -18.44 -11.23 23.84
N ASP B 151 -19.22 -11.77 22.89
CA ASP B 151 -20.66 -11.92 23.09
C ASP B 151 -21.00 -12.83 24.26
N LYS B 152 -20.20 -13.86 24.51
CA LYS B 152 -20.45 -14.76 25.66
C LYS B 152 -20.16 -14.06 26.99
N ARG B 153 -19.26 -13.07 26.99
CA ARG B 153 -18.93 -12.33 28.21
C ARG B 153 -20.02 -11.33 28.59
N LEU B 154 -20.92 -10.92 27.68
CA LEU B 154 -22.01 -9.97 27.96
C LEU B 154 -23.13 -10.78 28.50
N CYS B 155 -22.95 -11.32 29.70
CA CYS B 155 -23.95 -12.18 30.31
C CYS B 155 -24.61 -11.64 31.57
N VAL B 156 -24.25 -10.44 32.06
CA VAL B 156 -24.86 -9.83 33.25
C VAL B 156 -24.99 -8.34 33.03
N GLY B 157 -25.72 -7.69 33.93
CA GLY B 157 -25.91 -6.24 33.88
C GLY B 157 -27.23 -5.77 33.31
N ALA B 158 -27.82 -4.75 33.94
CA ALA B 158 -29.09 -4.16 33.49
C ALA B 158 -28.86 -3.41 32.19
N LYS B 159 -27.67 -2.79 32.03
CA LYS B 159 -27.26 -2.03 30.86
C LYS B 159 -25.94 -2.66 30.42
N LYS B 160 -25.83 -3.06 29.16
CA LYS B 160 -24.65 -3.71 28.62
C LYS B 160 -24.11 -2.95 27.43
N GLY B 161 -22.79 -2.86 27.32
CA GLY B 161 -22.15 -2.16 26.22
C GLY B 161 -20.88 -2.86 25.79
N VAL B 162 -20.52 -2.68 24.52
CA VAL B 162 -19.32 -3.27 23.94
C VAL B 162 -18.45 -2.12 23.49
N LEU B 163 -17.24 -2.00 24.03
CA LEU B 163 -16.30 -0.92 23.66
C LEU B 163 -15.57 -1.37 22.42
N LYS B 164 -15.74 -0.60 21.31
CA LYS B 164 -15.17 -0.84 20.01
C LYS B 164 -14.25 0.30 19.64
N THR B 165 -13.08 -0.01 19.06
CA THR B 165 -12.11 1.02 18.67
C THR B 165 -11.50 0.63 17.34
N TYR B 166 -11.60 1.53 16.37
CA TYR B 166 -11.10 1.33 15.02
C TYR B 166 -10.40 2.56 14.51
N ARG B 167 -9.73 2.43 13.37
CA ARG B 167 -9.06 3.54 12.71
C ARG B 167 -9.92 3.76 11.47
N SER B 168 -10.55 4.91 11.41
CA SER B 168 -11.40 5.25 10.27
C SER B 168 -10.61 5.17 8.96
N SER B 169 -11.13 4.44 7.96
CA SER B 169 -10.53 4.24 6.65
C SER B 169 -9.21 3.52 6.64
N LYS B 170 -8.78 2.91 7.75
CA LYS B 170 -7.50 2.22 7.78
C LYS B 170 -7.70 0.85 8.38
N PHE B 171 -6.82 -0.10 8.02
CA PHE B 171 -6.92 -1.48 8.51
C PHE B 171 -6.09 -1.74 9.76
N SER B 172 -6.72 -2.35 10.77
CA SER B 172 -6.07 -2.75 12.03
C SER B 172 -6.70 -4.06 12.41
N LYS B 173 -5.90 -5.02 12.83
CA LYS B 173 -6.38 -6.36 13.20
C LYS B 173 -7.08 -6.42 14.54
N THR B 174 -6.75 -5.52 15.44
CA THR B 174 -7.37 -5.50 16.75
C THR B 174 -7.61 -4.07 17.18
N SER B 175 -8.33 -3.94 18.29
CA SER B 175 -8.65 -2.66 18.89
C SER B 175 -7.67 -2.40 20.05
N GLY B 176 -6.69 -3.29 20.27
CA GLY B 176 -5.72 -3.16 21.34
C GLY B 176 -4.95 -1.87 21.21
N THR B 177 -4.78 -1.18 22.33
CA THR B 177 -4.07 0.10 22.34
C THR B 177 -2.73 0.00 21.64
N MET B 178 -1.95 -1.05 21.98
CA MET B 178 -0.60 -1.33 21.41
C MET B 178 -0.64 -1.44 19.89
N THR B 179 -1.54 -2.26 19.42
CA THR B 179 -1.71 -2.54 18.00
C THR B 179 -2.06 -1.27 17.27
N LEU B 180 -2.97 -0.50 17.82
CA LEU B 180 -3.40 0.75 17.18
C LEU B 180 -2.24 1.73 17.10
N VAL B 181 -1.43 1.82 18.15
CA VAL B 181 -0.26 2.73 18.17
C VAL B 181 0.74 2.28 17.10
N VAL B 182 1.03 1.00 17.06
CA VAL B 182 1.97 0.46 16.08
C VAL B 182 1.48 0.76 14.66
N ASP B 183 0.19 0.50 14.40
CA ASP B 183 -0.43 0.72 13.09
C ASP B 183 -0.40 2.20 12.69
N ILE B 184 -0.64 3.13 13.64
CA ILE B 184 -0.57 4.56 13.35
C ILE B 184 0.84 4.94 12.92
N ILE B 185 1.84 4.42 13.64
CA ILE B 185 3.23 4.73 13.34
C ILE B 185 3.64 4.14 11.99
N MET B 186 3.26 2.90 11.74
CA MET B 186 3.60 2.22 10.47
C MET B 186 2.97 2.94 9.30
N ASP B 187 1.67 3.27 9.37
CA ASP B 187 1.01 3.98 8.28
C ASP B 187 1.60 5.34 8.10
N SER B 188 1.98 6.01 9.20
CA SER B 188 2.59 7.35 9.13
C SER B 188 3.93 7.26 8.38
N CYS B 189 4.78 6.27 8.72
CA CYS B 189 6.07 6.08 8.06
C CYS B 189 5.92 5.89 6.58
N ARG B 190 4.93 5.06 6.20
CA ARG B 190 4.68 4.81 4.77
C ARG B 190 4.40 6.10 4.00
N GLU B 191 3.59 6.99 4.54
CA GLU B 191 3.27 8.25 3.91
C GLU B 191 4.43 9.25 3.97
N ILE B 192 5.13 9.30 5.11
CA ILE B 192 6.27 10.22 5.27
C ILE B 192 7.35 9.86 4.26
N ASN B 193 7.58 8.57 4.04
CA ASN B 193 8.61 8.14 3.11
C ASN B 193 8.39 8.65 1.69
N GLU B 194 7.12 8.85 1.29
CA GLU B 194 6.76 9.34 -0.04
C GLU B 194 6.83 10.85 -0.18
N LEU B 195 7.25 11.56 0.86
CA LEU B 195 7.36 12.99 0.80
C LEU B 195 8.60 13.29 -0.03
N ASP B 196 8.54 14.34 -0.83
CA ASP B 196 9.68 14.69 -1.65
C ASP B 196 10.85 15.07 -0.71
N SER B 197 12.05 14.67 -1.10
CA SER B 197 13.30 14.90 -0.39
C SER B 197 13.58 13.94 0.76
N VAL B 198 12.64 13.07 1.16
CA VAL B 198 12.90 12.13 2.25
C VAL B 198 13.80 11.00 1.74
N LEU B 199 14.85 10.73 2.51
CA LEU B 199 15.82 9.68 2.23
C LEU B 199 15.39 8.42 2.96
N TYR B 200 15.03 8.53 4.21
CA TYR B 200 14.57 7.38 4.96
C TYR B 200 13.71 7.77 6.09
N THR B 201 12.89 6.82 6.52
CA THR B 201 11.98 7.00 7.62
C THR B 201 12.08 5.80 8.51
N ILE B 202 12.40 6.01 9.77
CA ILE B 202 12.50 4.89 10.67
C ILE B 202 11.61 4.99 11.87
N PRO B 203 10.73 4.01 12.14
CA PRO B 203 9.93 4.08 13.38
C PRO B 203 10.77 3.54 14.54
N ASN B 204 10.53 4.02 15.75
CA ASN B 204 11.24 3.53 16.93
C ASN B 204 10.29 2.49 17.52
N LEU B 205 10.35 1.25 17.03
CA LEU B 205 9.48 0.20 17.54
C LEU B 205 10.24 -1.01 17.99
N LYS B 206 9.66 -1.72 18.93
CA LYS B 206 10.21 -2.94 19.49
C LYS B 206 9.09 -3.75 20.10
N TYR B 207 9.38 -4.97 20.57
CA TYR B 207 8.35 -5.81 21.18
C TYR B 207 8.11 -5.32 22.60
N PHE B 208 7.33 -4.25 22.74
CA PHE B 208 7.04 -3.66 24.04
C PHE B 208 6.37 -4.61 25.02
N GLU B 209 5.51 -5.47 24.53
CA GLU B 209 4.78 -6.46 25.34
C GLU B 209 5.74 -7.40 26.03
N GLY B 210 6.88 -7.67 25.40
CA GLY B 210 7.89 -8.52 26.02
C GLY B 210 8.44 -7.86 27.26
N THR B 211 8.63 -6.54 27.22
CA THR B 211 9.15 -5.81 28.40
C THR B 211 8.16 -5.89 29.58
N VAL B 212 6.88 -5.76 29.30
CA VAL B 212 5.85 -5.80 30.32
C VAL B 212 5.56 -7.17 30.85
N PHE B 213 5.36 -8.15 29.97
CA PHE B 213 4.96 -9.49 30.40
C PHE B 213 6.02 -10.56 30.57
N HIS B 214 7.15 -10.47 29.89
CA HIS B 214 8.20 -11.48 30.03
C HIS B 214 9.27 -10.94 30.95
N GLU B 215 9.75 -9.71 30.72
CA GLU B 215 10.76 -9.12 31.60
C GLU B 215 10.11 -8.60 32.89
N LYS B 216 8.77 -8.40 32.88
CA LYS B 216 8.00 -7.92 34.03
C LYS B 216 8.60 -6.63 34.55
N ASN B 217 8.85 -5.73 33.64
CA ASN B 217 9.45 -4.47 33.97
C ASN B 217 8.64 -3.30 33.40
N VAL B 218 7.65 -2.83 34.19
CA VAL B 218 6.79 -1.70 33.79
C VAL B 218 7.62 -0.42 33.66
N LYS B 219 8.56 -0.17 34.58
CA LYS B 219 9.39 1.03 34.50
C LYS B 219 10.14 1.13 33.19
N LYS B 220 10.81 0.02 32.79
CA LYS B 220 11.56 -0.03 31.55
C LYS B 220 10.61 0.19 30.36
N PHE B 221 9.41 -0.40 30.40
CA PHE B 221 8.43 -0.23 29.33
C PHE B 221 8.05 1.24 29.20
N LEU B 222 7.76 1.91 30.31
CA LEU B 222 7.39 3.33 30.28
C LEU B 222 8.52 4.18 29.72
N THR B 223 9.78 3.82 30.00
CA THR B 223 10.95 4.53 29.48
C THR B 223 10.99 4.31 27.98
N GLU B 224 10.70 3.09 27.50
CA GLU B 224 10.70 2.78 26.07
C GLU B 224 9.65 3.61 25.31
N LEU B 225 8.51 4.00 25.96
CA LEU B 225 7.48 4.82 25.30
C LEU B 225 7.90 6.27 25.23
N ASN B 226 8.87 6.65 26.06
CA ASN B 226 9.35 8.01 26.11
C ASN B 226 10.43 8.24 25.05
N MET B 227 10.08 7.97 23.81
CA MET B 227 10.94 8.08 22.65
C MET B 227 10.11 8.63 21.50
N SER B 228 10.74 9.39 20.59
CA SER B 228 10.08 9.96 19.39
C SER B 228 9.52 8.75 18.61
N ALA B 229 8.37 8.88 18.08
CA ALA B 229 7.74 7.81 17.33
C ALA B 229 8.51 7.49 16.03
N ILE B 230 9.01 8.55 15.35
CA ILE B 230 9.69 8.42 14.07
C ILE B 230 10.87 9.35 13.92
N THR B 231 11.89 8.88 13.19
CA THR B 231 13.08 9.63 12.82
C THR B 231 13.08 9.66 11.30
N VAL B 232 13.30 10.84 10.72
CA VAL B 232 13.33 11.00 9.28
C VAL B 232 14.65 11.64 8.82
N SER B 233 15.20 11.21 7.70
CA SER B 233 16.41 11.76 7.10
C SER B 233 15.86 12.37 5.80
N SER B 234 16.17 13.62 5.55
CA SER B 234 15.67 14.28 4.35
C SER B 234 16.57 15.43 3.91
N ILE B 235 16.36 15.90 2.67
CA ILE B 235 17.15 17.03 2.16
C ILE B 235 16.45 18.34 2.56
N ASP B 236 15.11 18.35 2.54
CA ASP B 236 14.32 19.54 2.89
C ASP B 236 13.70 19.42 4.27
N HIS B 237 13.20 20.55 4.79
CA HIS B 237 12.56 20.55 6.10
C HIS B 237 11.26 19.78 6.00
N VAL B 238 11.00 18.88 6.96
CA VAL B 238 9.78 18.08 6.96
C VAL B 238 9.07 18.08 8.33
N GLU B 239 9.51 18.89 9.28
CA GLU B 239 8.95 18.94 10.64
C GLU B 239 7.47 19.09 10.70
N TYR B 240 6.96 20.02 9.91
CA TYR B 240 5.53 20.28 9.89
C TYR B 240 4.78 19.06 9.34
N GLU B 241 5.20 18.54 8.21
CA GLU B 241 4.55 17.38 7.59
C GLU B 241 4.63 16.12 8.45
N LEU B 242 5.78 15.91 9.15
CA LEU B 242 5.99 14.75 10.04
C LEU B 242 4.92 14.77 11.13
N GLU B 243 4.76 15.91 11.78
CA GLU B 243 3.76 16.02 12.84
C GLU B 243 2.32 15.95 12.28
N GLU B 244 2.07 16.54 11.12
CA GLU B 244 0.74 16.53 10.50
C GLU B 244 0.29 15.11 10.12
N ILE B 245 1.18 14.30 9.54
CA ILE B 245 0.84 12.93 9.15
C ILE B 245 0.56 12.10 10.39
N LEU B 246 1.39 12.24 11.44
CA LEU B 246 1.19 11.48 12.67
C LEU B 246 -0.11 11.91 13.31
N SER B 247 -0.37 13.22 13.39
CA SER B 247 -1.61 13.75 13.99
C SER B 247 -2.84 13.31 13.24
N LYS B 248 -2.81 13.32 11.94
CA LYS B 248 -3.95 12.89 11.12
C LYS B 248 -4.22 11.41 11.38
N ASN B 249 -3.17 10.57 11.45
CA ASN B 249 -3.37 9.14 11.72
C ASN B 249 -3.90 8.90 13.12
N ILE B 250 -3.49 9.72 14.10
CA ILE B 250 -3.98 9.58 15.46
C ILE B 250 -5.46 9.95 15.45
N SER B 251 -5.85 11.02 14.73
CA SER B 251 -7.24 11.48 14.66
C SER B 251 -8.20 10.47 14.04
N ARG B 252 -7.70 9.52 13.26
CA ARG B 252 -8.56 8.52 12.65
C ARG B 252 -9.11 7.54 13.69
N VAL B 253 -8.46 7.43 14.87
CA VAL B 253 -8.91 6.51 15.92
C VAL B 253 -10.28 6.96 16.38
N ASP B 254 -11.21 6.02 16.39
CA ASP B 254 -12.59 6.28 16.80
C ASP B 254 -12.98 5.18 17.76
N SER B 255 -13.34 5.56 18.98
CA SER B 255 -13.73 4.62 20.01
C SER B 255 -15.13 4.94 20.46
N PHE B 256 -15.95 3.91 20.63
CA PHE B 256 -17.33 4.09 21.06
C PHE B 256 -17.85 2.85 21.73
N VAL B 257 -18.82 3.03 22.62
CA VAL B 257 -19.44 1.89 23.30
C VAL B 257 -20.76 1.69 22.59
N LYS B 258 -20.97 0.49 22.03
CA LYS B 258 -22.21 0.18 21.34
C LYS B 258 -23.10 -0.48 22.38
N GLU B 259 -24.27 0.08 22.63
CA GLU B 259 -25.16 -0.53 23.60
C GLU B 259 -25.66 -1.88 23.07
N PHE B 260 -25.59 -2.94 23.91
CA PHE B 260 -26.02 -4.29 23.57
C PHE B 260 -27.41 -4.42 24.20
N ASP B 261 -28.46 -4.30 23.38
CA ASP B 261 -29.84 -4.38 23.87
C ASP B 261 -30.21 -5.78 24.38
N LYS B 262 -30.86 -5.82 25.55
CA LYS B 262 -31.35 -7.04 26.20
C LYS B 262 -32.54 -6.58 27.02
N LEU B 263 -33.73 -6.84 26.51
CA LEU B 263 -34.99 -6.47 27.16
C LEU B 263 -35.19 -7.11 28.53
N ALA B 264 -34.87 -8.41 28.69
CA ALA B 264 -35.02 -9.11 29.97
C ALA B 264 -34.27 -8.41 31.12
N ALA B 265 -33.01 -8.02 30.87
CA ALA B 265 -32.17 -7.34 31.86
C ALA B 265 -32.64 -5.91 32.06
N ASN C 2 -26.20 12.54 -11.00
CA ASN C 2 -25.23 12.72 -9.92
C ASN C 2 -25.50 11.78 -8.70
N TYR C 3 -26.46 10.84 -8.81
CA TYR C 3 -26.78 9.90 -7.74
C TYR C 3 -26.43 8.49 -8.19
N GLY C 4 -26.49 7.54 -7.26
CA GLY C 4 -26.20 6.13 -7.53
C GLY C 4 -27.46 5.28 -7.61
N ILE C 5 -27.51 4.23 -6.77
CA ILE C 5 -28.65 3.32 -6.72
C ILE C 5 -29.86 4.06 -6.13
N THR C 6 -29.61 4.97 -5.15
CA THR C 6 -30.61 5.80 -4.48
C THR C 6 -30.05 7.21 -4.33
N GLU C 7 -30.88 8.16 -3.84
CA GLU C 7 -30.46 9.55 -3.64
C GLU C 7 -29.64 9.75 -2.34
N SER C 8 -29.38 8.68 -1.57
CA SER C 8 -28.58 8.75 -0.34
C SER C 8 -27.11 8.65 -0.69
N VAL C 9 -26.80 8.18 -1.89
CA VAL C 9 -25.44 8.00 -2.37
C VAL C 9 -25.20 8.88 -3.59
N LYS C 10 -24.07 9.54 -3.64
CA LYS C 10 -23.67 10.40 -4.73
C LYS C 10 -22.68 9.69 -5.62
N THR C 11 -22.77 9.93 -6.94
CA THR C 11 -21.86 9.36 -7.91
C THR C 11 -21.16 10.59 -8.47
N THR C 12 -19.82 10.60 -8.42
CA THR C 12 -19.03 11.73 -8.90
C THR C 12 -18.02 11.26 -9.91
N ARG C 13 -18.05 11.84 -11.11
CA ARG C 13 -17.12 11.51 -12.17
C ARG C 13 -16.09 12.63 -12.19
N SER C 14 -14.82 12.29 -12.26
CA SER C 14 -13.78 13.32 -12.26
C SER C 14 -13.86 14.20 -13.50
N LYS C 15 -13.56 15.48 -13.34
CA LYS C 15 -13.55 16.46 -14.43
C LYS C 15 -12.33 16.12 -15.29
N ILE C 16 -11.23 15.67 -14.65
CA ILE C 16 -10.00 15.29 -15.37
C ILE C 16 -10.32 14.01 -16.11
N LYS C 17 -10.04 13.99 -17.42
CA LYS C 17 -10.27 12.85 -18.27
C LYS C 17 -8.97 12.13 -18.49
N ILE C 18 -9.04 10.91 -18.98
CA ILE C 18 -7.81 10.13 -19.25
C ILE C 18 -6.95 10.91 -20.24
N LYS C 19 -7.53 11.47 -21.29
CA LYS C 19 -6.77 12.23 -22.30
C LYS C 19 -6.02 13.40 -21.70
N ASP C 20 -6.55 14.03 -20.64
CA ASP C 20 -5.88 15.17 -20.00
C ASP C 20 -4.58 14.72 -19.32
N ILE C 21 -4.61 13.51 -18.75
CA ILE C 21 -3.45 12.93 -18.07
C ILE C 21 -2.43 12.59 -19.15
N VAL C 22 -2.89 11.97 -20.23
CA VAL C 22 -2.01 11.62 -21.36
C VAL C 22 -1.35 12.89 -21.86
N SER C 23 -2.15 13.92 -22.08
CA SER C 23 -1.64 15.20 -22.57
C SER C 23 -0.55 15.80 -21.69
N ASP C 24 -0.77 15.78 -20.37
CA ASP C 24 0.22 16.30 -19.43
CA ASP C 24 0.20 16.31 -19.43
C ASP C 24 1.53 15.54 -19.52
N VAL C 25 1.48 14.20 -19.64
CA VAL C 25 2.70 13.38 -19.72
C VAL C 25 3.44 13.61 -21.01
N VAL C 26 2.74 13.55 -22.13
CA VAL C 26 3.35 13.74 -23.44
CA VAL C 26 3.42 13.74 -23.44
C VAL C 26 4.02 15.13 -23.54
N GLU C 27 3.35 16.16 -23.02
CA GLU C 27 3.88 17.52 -23.06
C GLU C 27 5.16 17.62 -22.22
N LYS C 28 5.23 16.91 -21.08
CA LYS C 28 6.44 16.93 -20.25
C LYS C 28 7.60 16.28 -21.03
N LYS C 29 7.34 15.19 -21.75
CA LYS C 29 8.37 14.51 -22.54
C LYS C 29 8.84 15.43 -23.67
N ALA C 30 7.91 16.07 -24.37
CA ALA C 30 8.25 16.98 -25.46
C ALA C 30 9.08 18.18 -24.94
N ASN C 31 8.71 18.72 -23.77
CA ASN C 31 9.43 19.84 -23.18
C ASN C 31 10.82 19.43 -22.74
N ALA C 32 10.97 18.20 -22.25
CA ALA C 32 12.30 17.71 -21.83
C ALA C 32 13.21 17.67 -23.07
N ILE C 33 12.70 17.21 -24.21
CA ILE C 33 13.49 17.16 -25.46
C ILE C 33 13.80 18.59 -25.90
N LYS C 34 12.78 19.46 -25.89
CA LYS C 34 12.97 20.86 -26.30
C LYS C 34 14.11 21.49 -25.51
N TYR C 35 14.07 21.35 -24.20
CA TYR C 35 15.08 21.92 -23.30
C TYR C 35 16.48 21.40 -23.66
N PHE C 36 16.58 20.10 -23.91
CA PHE C 36 17.86 19.47 -24.26
C PHE C 36 18.42 19.97 -25.58
N LEU C 37 17.55 20.23 -26.57
CA LEU C 37 17.99 20.67 -27.87
C LEU C 37 18.51 22.10 -27.89
N GLU C 38 18.19 22.91 -26.85
CA GLU C 38 18.66 24.29 -26.70
C GLU C 38 18.44 25.17 -27.93
N GLY C 39 17.30 25.01 -28.57
CA GLY C 39 16.93 25.79 -29.75
C GLY C 39 17.69 25.49 -31.03
N GLU C 40 18.47 24.39 -31.10
CA GLU C 40 19.22 24.06 -32.31
C GLU C 40 18.24 23.74 -33.45
N GLU C 41 18.61 24.13 -34.66
CA GLU C 41 17.81 23.92 -35.86
C GLU C 41 18.37 22.74 -36.60
N PHE C 42 17.49 21.94 -37.19
CA PHE C 42 17.84 20.74 -37.92
C PHE C 42 17.19 20.69 -39.29
N LYS C 43 17.86 20.05 -40.24
CA LYS C 43 17.35 19.90 -41.61
C LYS C 43 16.40 18.71 -41.70
N GLN C 44 16.72 17.61 -40.99
CA GLN C 44 15.85 16.46 -41.05
C GLN C 44 15.86 15.69 -39.78
N ALA C 45 14.70 15.62 -39.13
CA ALA C 45 14.54 14.87 -37.89
C ALA C 45 13.79 13.58 -38.15
N ILE C 46 14.25 12.48 -37.55
CA ILE C 46 13.60 11.17 -37.70
C ILE C 46 13.24 10.72 -36.29
N VAL C 47 11.96 10.47 -36.05
CA VAL C 47 11.44 10.02 -34.77
C VAL C 47 10.93 8.60 -34.94
N PHE C 48 11.45 7.62 -34.18
CA PHE C 48 10.99 6.24 -34.28
C PHE C 48 9.98 6.00 -33.18
N GLY C 49 8.79 5.52 -33.53
CA GLY C 49 7.73 5.22 -32.57
C GLY C 49 6.68 6.30 -32.46
N ALA C 50 5.55 6.11 -33.14
CA ALA C 50 4.45 7.07 -33.15
C ALA C 50 3.59 7.01 -31.90
N TYR C 51 3.34 5.82 -31.35
CA TYR C 51 2.53 5.67 -30.16
C TYR C 51 3.43 5.72 -28.93
N LEU C 52 3.10 6.44 -27.85
CA LEU C 52 1.94 7.30 -27.65
C LEU C 52 2.43 8.75 -27.71
N SER C 53 3.59 9.05 -27.14
CA SER C 53 4.14 10.42 -27.14
C SER C 53 4.77 10.86 -28.46
N GLY C 54 5.11 9.92 -29.32
CA GLY C 54 5.75 10.22 -30.60
C GLY C 54 5.04 11.23 -31.47
N SER C 55 3.71 11.11 -31.55
CA SER C 55 2.93 12.02 -32.36
C SER C 55 3.13 13.49 -31.95
N TYR C 56 2.95 13.79 -30.66
CA TYR C 56 3.13 15.15 -30.18
C TYR C 56 4.60 15.58 -30.23
N ILE C 57 5.53 14.67 -29.91
CA ILE C 57 6.95 15.01 -29.96
C ILE C 57 7.29 15.44 -31.39
N ALA C 58 6.87 14.67 -32.41
CA ALA C 58 7.14 15.01 -33.81
C ALA C 58 6.53 16.39 -34.13
N TYR C 59 5.30 16.63 -33.70
CA TYR C 59 4.65 17.93 -33.91
C TYR C 59 5.51 19.05 -33.28
N SER C 60 6.02 18.84 -32.04
CA SER C 60 6.83 19.83 -31.35
C SER C 60 8.16 20.18 -32.07
N LEU C 61 8.66 19.29 -32.92
CA LEU C 61 9.89 19.52 -33.66
C LEU C 61 9.71 20.31 -34.95
N LEU C 62 8.45 20.45 -35.42
CA LEU C 62 8.18 21.18 -36.66
C LEU C 62 8.70 22.60 -36.69
N LYS C 63 8.69 23.28 -35.55
CA LYS C 63 9.17 24.66 -35.42
C LYS C 63 10.65 24.81 -35.79
N ASP C 64 11.54 23.94 -35.26
CA ASP C 64 12.98 24.03 -35.51
C ASP C 64 13.54 23.03 -36.52
N CYS C 65 12.73 22.10 -37.05
CA CYS C 65 13.21 21.12 -38.03
C CYS C 65 12.54 21.35 -39.38
N GLU C 66 13.33 21.44 -40.46
CA GLU C 66 12.79 21.66 -41.81
C GLU C 66 11.93 20.50 -42.27
N GLU C 67 12.32 19.28 -41.92
CA GLU C 67 11.58 18.07 -42.27
C GLU C 67 11.51 17.20 -41.04
N VAL C 68 10.33 16.69 -40.70
CA VAL C 68 10.15 15.81 -39.55
C VAL C 68 9.51 14.56 -40.09
N ILE C 69 10.14 13.41 -39.81
CA ILE C 69 9.64 12.13 -40.26
C ILE C 69 9.40 11.22 -39.08
N ILE C 70 8.21 10.62 -38.99
CA ILE C 70 7.86 9.67 -37.95
C ILE C 70 8.00 8.31 -38.63
N VAL C 71 8.68 7.36 -37.97
CA VAL C 71 8.87 6.03 -38.50
C VAL C 71 8.19 5.04 -37.54
N ASP C 72 7.37 4.15 -38.07
CA ASP C 72 6.74 3.15 -37.25
C ASP C 72 6.67 1.84 -37.99
N ILE C 73 6.85 0.75 -37.25
CA ILE C 73 6.80 -0.61 -37.78
C ILE C 73 5.34 -0.94 -38.15
N GLN C 74 4.35 -0.25 -37.54
CA GLN C 74 2.92 -0.47 -37.82
C GLN C 74 2.42 0.60 -38.77
N PRO C 75 2.13 0.30 -40.05
CA PRO C 75 1.64 1.35 -40.96
C PRO C 75 0.37 2.08 -40.55
N HIS C 76 -0.58 1.39 -39.85
CA HIS C 76 -1.83 2.02 -39.43
C HIS C 76 -1.62 3.17 -38.41
N LEU C 77 -0.43 3.25 -37.77
CA LEU C 77 -0.16 4.31 -36.82
C LEU C 77 -0.02 5.68 -37.50
N LYS C 78 -0.13 5.78 -38.84
CA LYS C 78 -0.09 7.07 -39.50
C LYS C 78 -1.33 7.83 -38.98
N ASP C 79 -2.42 7.10 -38.61
CA ASP C 79 -3.67 7.64 -38.08
C ASP C 79 -3.52 8.38 -36.75
N ILE C 80 -2.43 8.17 -35.99
CA ILE C 80 -2.23 8.86 -34.71
C ILE C 80 -1.57 10.24 -34.92
N LEU C 81 -1.17 10.58 -36.16
CA LEU C 81 -0.55 11.87 -36.44
C LEU C 81 -1.69 12.84 -36.70
N PHE C 82 -1.64 14.02 -36.07
CA PHE C 82 -2.68 15.07 -36.19
C PHE C 82 -2.22 16.29 -36.98
N ASN C 83 -1.03 16.24 -37.59
CA ASN C 83 -0.51 17.36 -38.35
C ASN C 83 0.01 16.81 -39.67
N ASP C 84 -0.49 17.35 -40.79
CA ASP C 84 -0.07 16.90 -42.12
C ASP C 84 1.38 17.30 -42.47
N GLY C 85 2.00 18.17 -41.66
CA GLY C 85 3.38 18.58 -41.84
C GLY C 85 4.36 17.49 -41.46
N ILE C 86 3.92 16.50 -40.66
CA ILE C 86 4.78 15.39 -40.25
C ILE C 86 4.71 14.32 -41.35
N LYS C 87 5.86 13.82 -41.83
CA LYS C 87 5.94 12.78 -42.85
C LYS C 87 5.93 11.43 -42.11
N PHE C 88 5.20 10.45 -42.62
CA PHE C 88 5.14 9.14 -41.99
C PHE C 88 5.80 8.14 -42.96
N MET C 89 6.58 7.22 -42.44
CA MET C 89 7.25 6.18 -43.24
C MET C 89 7.19 4.93 -42.45
N ASP C 90 6.83 3.82 -43.05
CA ASP C 90 6.83 2.60 -42.26
C ASP C 90 8.32 2.17 -42.17
N LEU C 91 8.66 1.30 -41.22
CA LEU C 91 10.03 0.84 -41.03
C LEU C 91 10.66 0.25 -42.28
N ASN C 92 9.92 -0.58 -43.01
CA ASN C 92 10.46 -1.16 -44.22
C ASN C 92 10.88 -0.10 -45.26
N LYS C 93 10.03 0.92 -45.48
CA LYS C 93 10.35 1.98 -46.44
C LYS C 93 11.58 2.76 -45.99
N LEU C 94 11.71 2.98 -44.67
CA LEU C 94 12.88 3.70 -44.14
C LEU C 94 14.12 2.85 -44.44
N GLN C 95 14.09 1.57 -44.04
CA GLN C 95 15.22 0.68 -44.28
C GLN C 95 15.66 0.64 -45.72
N LEU C 96 14.70 0.52 -46.64
CA LEU C 96 15.03 0.46 -48.08
C LEU C 96 15.57 1.75 -48.64
N GLU C 97 15.00 2.87 -48.24
CA GLU C 97 15.47 4.17 -48.71
C GLU C 97 16.89 4.41 -48.13
N LEU C 98 17.17 3.95 -46.89
CA LEU C 98 18.49 4.10 -46.29
C LEU C 98 19.51 3.27 -47.08
N ARG C 99 19.13 2.04 -47.43
CA ARG C 99 20.03 1.15 -48.16
C ARG C 99 20.15 1.44 -49.64
N ASN C 100 19.05 1.83 -50.30
CA ASN C 100 19.03 2.10 -51.74
C ASN C 100 19.00 3.53 -52.25
N GLY C 101 18.63 4.48 -51.42
CA GLY C 101 18.54 5.90 -51.81
C GLY C 101 19.49 6.79 -51.04
N THR C 102 19.30 8.11 -51.17
CA THR C 102 20.13 9.12 -50.48
C THR C 102 19.29 10.21 -49.77
N SER C 103 17.94 10.04 -49.71
CA SER C 103 17.05 11.04 -49.08
C SER C 103 17.05 10.99 -47.55
N ILE C 104 17.50 9.89 -46.95
CA ILE C 104 17.53 9.74 -45.50
C ILE C 104 18.94 9.99 -44.97
N ASN C 105 19.14 11.13 -44.33
CA ASN C 105 20.41 11.54 -43.72
C ASN C 105 20.04 12.52 -42.59
N PRO C 106 19.43 12.02 -41.52
CA PRO C 106 19.02 12.90 -40.44
C PRO C 106 20.12 13.49 -39.58
N ASP C 107 19.91 14.74 -39.16
CA ASP C 107 20.83 15.45 -38.26
C ASP C 107 20.28 15.32 -36.83
N LEU C 108 19.01 14.89 -36.68
CA LEU C 108 18.39 14.66 -35.36
C LEU C 108 17.70 13.32 -35.43
N VAL C 109 18.04 12.40 -34.52
CA VAL C 109 17.40 11.08 -34.46
C VAL C 109 16.84 10.92 -33.06
N ILE C 110 15.57 10.52 -32.94
CA ILE C 110 14.92 10.31 -31.65
C ILE C 110 14.29 8.93 -31.65
N ASP C 111 14.73 8.05 -30.73
CA ASP C 111 14.18 6.70 -30.65
C ASP C 111 13.25 6.62 -29.43
N LEU C 112 11.95 6.48 -29.66
CA LEU C 112 10.94 6.38 -28.60
C LEU C 112 10.31 4.97 -28.56
N THR C 113 10.91 3.99 -29.22
CA THR C 113 10.36 2.65 -29.30
C THR C 113 10.41 1.83 -28.05
N GLY C 114 11.35 2.08 -27.17
CA GLY C 114 11.40 1.30 -25.94
C GLY C 114 11.73 -0.17 -26.10
N ILE C 115 11.19 -0.97 -25.20
CA ILE C 115 11.42 -2.42 -25.13
C ILE C 115 11.07 -3.13 -26.41
N GLY C 116 12.03 -3.90 -26.93
CA GLY C 116 11.86 -4.66 -28.16
C GLY C 116 11.72 -3.83 -29.41
N GLY C 117 12.15 -2.59 -29.33
CA GLY C 117 12.09 -1.61 -30.41
C GLY C 117 13.20 -1.62 -31.45
N VAL C 118 13.60 -0.43 -31.89
CA VAL C 118 14.66 -0.30 -32.90
CA VAL C 118 14.64 -0.26 -32.90
C VAL C 118 15.95 -0.92 -32.48
N SER C 119 16.65 -1.48 -33.45
CA SER C 119 17.91 -2.12 -33.15
C SER C 119 19.07 -1.15 -33.18
N PRO C 120 20.10 -1.39 -32.37
CA PRO C 120 21.29 -0.52 -32.41
C PRO C 120 21.90 -0.54 -33.83
N ASP C 121 21.75 -1.68 -34.57
CA ASP C 121 22.26 -1.81 -35.94
C ASP C 121 21.62 -0.77 -36.86
N LEU C 122 20.31 -0.53 -36.75
CA LEU C 122 19.65 0.47 -37.59
C LEU C 122 20.12 1.86 -37.16
N ILE C 123 20.20 2.13 -35.84
CA ILE C 123 20.64 3.44 -35.37
C ILE C 123 22.06 3.74 -35.86
N SER C 124 22.94 2.71 -35.87
CA SER C 124 24.33 2.85 -36.32
C SER C 124 24.48 3.31 -37.78
N LYS C 125 23.41 3.24 -38.60
CA LYS C 125 23.46 3.68 -40.00
C LYS C 125 23.37 5.20 -40.14
N PHE C 126 23.02 5.90 -39.06
CA PHE C 126 22.88 7.36 -39.08
C PHE C 126 24.12 8.02 -38.54
N ASN C 127 24.28 9.28 -38.84
CA ASN C 127 25.40 10.08 -38.35
C ASN C 127 24.80 11.45 -38.05
N PRO C 128 23.92 11.53 -37.03
CA PRO C 128 23.30 12.81 -36.72
C PRO C 128 24.10 13.70 -35.81
N LYS C 129 23.68 14.94 -35.71
CA LYS C 129 24.34 15.89 -34.83
C LYS C 129 23.89 15.52 -33.42
N VAL C 130 22.60 15.09 -33.30
CA VAL C 130 22.04 14.74 -32.01
C VAL C 130 21.24 13.44 -32.06
N LEU C 131 21.43 12.61 -31.04
CA LEU C 131 20.73 11.36 -30.90
C LEU C 131 20.10 11.36 -29.54
N ILE C 132 18.80 11.07 -29.45
CA ILE C 132 18.08 10.98 -28.18
C ILE C 132 17.43 9.61 -28.16
N VAL C 133 17.64 8.83 -27.10
CA VAL C 133 17.03 7.51 -26.99
C VAL C 133 16.17 7.54 -25.73
N GLU C 134 14.91 7.14 -25.81
CA GLU C 134 14.06 7.10 -24.64
C GLU C 134 14.36 5.85 -23.87
N ASP C 135 14.61 6.01 -22.57
CA ASP C 135 14.89 4.92 -21.68
C ASP C 135 13.52 4.41 -21.21
N PRO C 136 13.11 3.17 -21.55
CA PRO C 136 11.79 2.68 -21.12
C PRO C 136 11.73 2.26 -19.66
N LYS C 137 12.89 2.17 -19.00
CA LYS C 137 12.92 1.76 -17.62
C LYS C 137 12.43 2.80 -16.68
N GLY C 138 11.67 2.34 -15.70
CA GLY C 138 11.14 3.18 -14.65
C GLY C 138 11.96 2.77 -13.45
N ASN C 139 11.28 2.33 -12.42
CA ASN C 139 12.00 1.94 -11.22
CA ASN C 139 11.81 1.81 -11.16
C ASN C 139 12.60 0.55 -11.47
N HIS C 140 13.61 0.20 -10.73
CA HIS C 140 14.34 -1.03 -10.98
C HIS C 140 13.52 -2.31 -10.96
N ASP C 141 13.72 -3.11 -11.99
CA ASP C 141 13.08 -4.42 -12.17
C ASP C 141 14.15 -5.27 -12.90
N LYS C 142 14.58 -6.37 -12.29
CA LYS C 142 15.58 -7.27 -12.86
C LYS C 142 15.24 -7.75 -14.27
N GLY C 143 14.01 -8.19 -14.46
CA GLY C 143 13.54 -8.68 -15.76
C GLY C 143 13.58 -7.60 -16.83
N ILE C 144 13.05 -6.40 -16.52
CA ILE C 144 13.00 -5.27 -17.46
C ILE C 144 14.43 -4.78 -17.73
N SER C 145 15.27 -4.68 -16.69
CA SER C 145 16.64 -4.22 -16.87
C SER C 145 17.45 -5.14 -17.81
N LYS C 146 17.21 -6.45 -17.76
CA LYS C 146 17.91 -7.41 -18.60
C LYS C 146 17.55 -7.25 -20.09
N ILE C 147 16.25 -7.13 -20.43
CA ILE C 147 15.83 -6.98 -21.84
C ILE C 147 16.12 -5.58 -22.42
N ASP C 148 16.29 -4.59 -21.55
CA ASP C 148 16.57 -3.25 -21.97
C ASP C 148 17.96 -3.13 -22.62
N ASN C 149 18.08 -2.42 -23.74
CA ASN C 149 19.37 -2.22 -24.42
C ASN C 149 19.57 -0.74 -24.78
N THR C 150 19.01 0.17 -24.00
CA THR C 150 19.11 1.60 -24.23
C THR C 150 20.56 2.04 -24.46
N ASP C 151 21.47 1.60 -23.60
CA ASP C 151 22.88 2.00 -23.71
C ASP C 151 23.49 1.56 -25.05
N LYS C 152 23.10 0.39 -25.56
CA LYS C 152 23.63 -0.09 -26.85
C LYS C 152 23.07 0.75 -28.02
N ARG C 153 21.89 1.34 -27.85
CA ARG C 153 21.30 2.18 -28.90
C ARG C 153 21.95 3.54 -28.98
N LEU C 154 22.60 3.99 -27.91
CA LEU C 154 23.27 5.30 -27.90
C LEU C 154 24.66 5.07 -28.54
N CYS C 155 24.70 4.79 -29.85
CA CYS C 155 25.94 4.48 -30.56
C CYS C 155 26.37 5.48 -31.63
N VAL C 156 25.61 6.55 -31.87
CA VAL C 156 25.96 7.57 -32.88
C VAL C 156 25.56 8.92 -32.35
N GLY C 157 26.01 9.97 -33.03
CA GLY C 157 25.71 11.34 -32.69
C GLY C 157 26.80 12.09 -31.95
N ALA C 158 26.99 13.36 -32.33
CA ALA C 158 27.99 14.24 -31.70
C ALA C 158 27.51 14.60 -30.28
N LYS C 159 26.19 14.70 -30.08
CA LYS C 159 25.57 15.00 -28.79
C LYS C 159 24.57 13.88 -28.57
N LYS C 160 24.64 13.22 -27.42
CA LYS C 160 23.75 12.08 -27.11
C LYS C 160 22.99 12.33 -25.82
N GLY C 161 21.72 11.93 -25.78
CA GLY C 161 20.89 12.10 -24.60
C GLY C 161 19.95 10.94 -24.39
N VAL C 162 19.58 10.69 -23.15
CA VAL C 162 18.65 9.62 -22.78
C VAL C 162 17.45 10.27 -22.14
N LEU C 163 16.25 10.11 -22.71
CA LEU C 163 15.01 10.68 -22.17
C LEU C 163 14.49 9.77 -21.10
N LYS C 164 14.39 10.30 -19.87
CA LYS C 164 13.93 9.57 -18.70
C LYS C 164 12.69 10.20 -18.13
N THR C 165 11.73 9.40 -17.69
CA THR C 165 10.47 9.93 -17.12
C THR C 165 10.07 9.07 -15.95
N TYR C 166 9.86 9.70 -14.81
CA TYR C 166 9.48 9.03 -13.58
C TYR C 166 8.42 9.80 -12.84
N ARG C 167 7.86 9.17 -11.79
CA ARG C 167 6.88 9.81 -10.92
C ARG C 167 7.70 10.01 -9.65
N SER C 168 7.93 11.26 -9.29
CA SER C 168 8.71 11.59 -8.10
CA SER C 168 8.72 11.57 -8.10
C SER C 168 8.07 10.96 -6.87
N SER C 169 8.88 10.20 -6.09
CA SER C 169 8.46 9.51 -4.86
C SER C 169 7.39 8.48 -5.01
N LYS C 170 7.12 8.00 -6.25
CA LYS C 170 6.11 6.99 -6.49
C LYS C 170 6.74 5.92 -7.36
N PHE C 171 6.16 4.76 -7.27
CA PHE C 171 6.65 3.59 -8.02
CA PHE C 171 6.56 3.55 -7.95
C PHE C 171 5.96 3.30 -9.34
N SER C 172 6.75 3.18 -10.41
CA SER C 172 6.27 2.88 -11.78
C SER C 172 7.31 2.00 -12.42
N LYS C 173 6.88 0.94 -13.09
CA LYS C 173 7.79 -0.03 -13.73
C LYS C 173 8.42 0.47 -15.00
N THR C 174 7.77 1.39 -15.69
CA THR C 174 8.31 1.91 -16.94
C THR C 174 8.04 3.38 -17.02
N SER C 175 8.64 4.00 -18.04
CA SER C 175 8.48 5.43 -18.33
C SER C 175 7.45 5.61 -19.44
N GLY C 176 6.83 4.52 -19.91
CA GLY C 176 5.83 4.56 -20.98
C GLY C 176 4.69 5.47 -20.62
N THR C 177 4.27 6.31 -21.55
CA THR C 177 3.18 7.26 -21.29
C THR C 177 1.94 6.60 -20.71
N MET C 178 1.45 5.55 -21.33
CA MET C 178 0.21 4.90 -20.81
CA MET C 178 0.25 4.89 -20.87
C MET C 178 0.45 4.22 -19.48
N THR C 179 1.64 3.63 -19.17
CA THR C 179 1.93 3.01 -17.87
C THR C 179 1.86 4.11 -16.81
N LEU C 180 2.45 5.26 -17.11
CA LEU C 180 2.45 6.39 -16.15
C LEU C 180 1.03 6.88 -15.90
N VAL C 181 0.20 6.94 -16.94
CA VAL C 181 -1.20 7.38 -16.80
C VAL C 181 -1.95 6.38 -15.93
N VAL C 182 -1.78 5.11 -16.21
CA VAL C 182 -2.45 4.05 -15.43
C VAL C 182 -2.05 4.16 -13.96
N ASP C 183 -0.74 4.30 -13.72
CA ASP C 183 -0.21 4.41 -12.34
C ASP C 183 -0.72 5.63 -11.61
N ILE C 184 -0.84 6.78 -12.29
CA ILE C 184 -1.39 8.00 -11.66
C ILE C 184 -2.85 7.74 -11.23
N ILE C 185 -3.61 7.13 -12.11
CA ILE C 185 -5.01 6.84 -11.82
C ILE C 185 -5.15 5.83 -10.67
N MET C 186 -4.35 4.77 -10.72
CA MET C 186 -4.38 3.73 -9.69
C MET C 186 -3.99 4.30 -8.31
N ASP C 187 -2.90 5.07 -8.24
CA ASP C 187 -2.49 5.67 -6.96
C ASP C 187 -3.51 6.66 -6.47
N SER C 188 -4.14 7.39 -7.39
CA SER C 188 -5.19 8.37 -7.03
C SER C 188 -6.38 7.62 -6.41
N CYS C 189 -6.82 6.52 -7.04
CA CYS C 189 -7.94 5.70 -6.53
C CYS C 189 -7.67 5.24 -5.11
N ARG C 190 -6.45 4.78 -4.86
CA ARG C 190 -6.06 4.30 -3.52
C ARG C 190 -6.30 5.36 -2.44
N GLU C 191 -5.86 6.57 -2.72
CA GLU C 191 -6.00 7.67 -1.79
C GLU C 191 -7.46 8.16 -1.68
N ILE C 192 -8.16 8.23 -2.80
CA ILE C 192 -9.55 8.68 -2.82
C ILE C 192 -10.42 7.70 -2.01
N ASN C 193 -10.15 6.41 -2.12
CA ASN C 193 -10.91 5.42 -1.40
C ASN C 193 -10.88 5.62 0.11
N GLU C 194 -9.78 6.20 0.64
CA GLU C 194 -9.65 6.47 2.06
C GLU C 194 -10.32 7.75 2.55
N LEU C 195 -10.95 8.52 1.67
CA LEU C 195 -11.66 9.71 2.07
C LEU C 195 -12.92 9.26 2.80
N ASP C 196 -13.28 9.98 3.87
CA ASP C 196 -14.46 9.65 4.63
C ASP C 196 -15.67 9.65 3.75
N SER C 197 -16.57 8.68 4.01
CA SER C 197 -17.83 8.53 3.28
C SER C 197 -17.72 7.92 1.89
N VAL C 198 -16.51 7.64 1.36
CA VAL C 198 -16.41 7.00 0.04
C VAL C 198 -16.74 5.51 0.20
N LEU C 199 -17.63 4.99 -0.67
CA LEU C 199 -18.07 3.59 -0.68
C LEU C 199 -17.11 2.82 -1.56
N TYR C 200 -16.86 3.34 -2.76
CA TYR C 200 -15.95 2.73 -3.70
C TYR C 200 -15.48 3.74 -4.70
N THR C 201 -14.37 3.40 -5.32
CA THR C 201 -13.68 4.23 -6.30
C THR C 201 -13.33 3.39 -7.48
N ILE C 202 -13.75 3.81 -8.66
CA ILE C 202 -13.49 3.07 -9.87
C ILE C 202 -12.61 3.80 -10.87
N PRO C 203 -11.48 3.19 -11.28
CA PRO C 203 -10.63 3.80 -12.32
C PRO C 203 -11.28 3.36 -13.64
N ASN C 204 -11.44 4.25 -14.62
CA ASN C 204 -12.05 3.89 -15.90
C ASN C 204 -10.90 3.45 -16.74
N LEU C 205 -10.56 2.18 -16.62
CA LEU C 205 -9.42 1.65 -17.36
C LEU C 205 -9.76 0.42 -18.13
N LYS C 206 -8.98 0.19 -19.18
CA LYS C 206 -9.14 -0.97 -20.05
C LYS C 206 -7.82 -1.19 -20.76
N TYR C 207 -7.72 -2.28 -21.51
CA TYR C 207 -6.48 -2.57 -22.24
C TYR C 207 -6.45 -1.68 -23.50
N PHE C 208 -6.06 -0.43 -23.31
CA PHE C 208 -5.99 0.53 -24.41
C PHE C 208 -5.07 0.08 -25.56
N GLU C 209 -3.97 -0.66 -25.24
CA GLU C 209 -3.03 -1.18 -26.25
C GLU C 209 -3.77 -2.15 -27.22
N GLY C 210 -4.79 -2.83 -26.71
CA GLY C 210 -5.60 -3.74 -27.51
C GLY C 210 -6.32 -3.01 -28.61
N THR C 211 -6.83 -1.80 -28.30
CA THR C 211 -7.56 -0.99 -29.28
C THR C 211 -6.60 -0.50 -30.34
N VAL C 212 -5.40 -0.09 -29.92
CA VAL C 212 -4.44 0.44 -30.88
C VAL C 212 -3.68 -0.60 -31.70
N PHE C 213 -3.14 -1.66 -31.09
CA PHE C 213 -2.34 -2.66 -31.80
C PHE C 213 -3.01 -3.93 -32.28
N HIS C 214 -4.09 -4.37 -31.66
CA HIS C 214 -4.77 -5.59 -32.10
C HIS C 214 -5.98 -5.23 -32.93
N GLU C 215 -6.82 -4.29 -32.45
CA GLU C 215 -7.99 -3.87 -33.23
C GLU C 215 -7.55 -2.87 -34.31
N LYS C 216 -6.34 -2.28 -34.19
CA LYS C 216 -5.78 -1.33 -35.15
C LYS C 216 -6.77 -0.21 -35.39
N ASN C 217 -7.31 0.33 -34.27
CA ASN C 217 -8.28 1.38 -34.28
C ASN C 217 -7.86 2.58 -33.47
N VAL C 218 -7.10 3.48 -34.09
CA VAL C 218 -6.65 4.69 -33.40
C VAL C 218 -7.85 5.60 -33.02
N LYS C 219 -8.84 5.75 -33.91
CA LYS C 219 -10.00 6.59 -33.60
C LYS C 219 -10.73 6.12 -32.36
N LYS C 220 -10.99 4.81 -32.26
CA LYS C 220 -11.69 4.23 -31.12
C LYS C 220 -10.83 4.45 -29.86
N PHE C 221 -9.51 4.29 -29.96
CA PHE C 221 -8.61 4.51 -28.82
C PHE C 221 -8.73 5.95 -28.33
N LEU C 222 -8.70 6.92 -29.24
CA LEU C 222 -8.82 8.34 -28.86
C LEU C 222 -10.16 8.61 -28.18
N THR C 223 -11.23 7.94 -28.62
CA THR C 223 -12.56 8.08 -28.02
C THR C 223 -12.53 7.50 -26.62
N GLU C 224 -11.82 6.36 -26.42
CA GLU C 224 -11.70 5.73 -25.11
C GLU C 224 -10.98 6.65 -24.10
N LEU C 225 -10.06 7.53 -24.56
CA LEU C 225 -9.36 8.45 -23.66
C LEU C 225 -10.24 9.62 -23.27
N ASN C 226 -11.29 9.85 -24.04
CA ASN C 226 -12.22 10.92 -23.81
C ASN C 226 -13.30 10.54 -22.78
N MET C 227 -12.88 10.23 -21.57
CA MET C 227 -13.80 9.88 -20.48
C MET C 227 -13.12 10.12 -19.14
N SER C 228 -13.91 10.31 -18.10
CA SER C 228 -13.42 10.57 -16.74
C SER C 228 -12.46 9.55 -16.33
N ALA C 229 -11.39 9.99 -15.69
CA ALA C 229 -10.38 9.07 -15.19
C ALA C 229 -10.92 8.20 -14.06
N ILE C 230 -11.74 8.78 -13.17
CA ILE C 230 -12.28 8.06 -12.01
C ILE C 230 -13.72 8.42 -11.72
N THR C 231 -14.45 7.42 -11.22
CA THR C 231 -15.84 7.55 -10.79
C THR C 231 -15.83 7.15 -9.32
N VAL C 232 -16.43 7.96 -8.48
CA VAL C 232 -16.50 7.72 -7.06
C VAL C 232 -17.93 7.64 -6.58
N SER C 233 -18.19 6.70 -5.66
CA SER C 233 -19.50 6.51 -5.03
C SER C 233 -19.27 6.95 -3.58
N SER C 234 -20.03 7.92 -3.07
CA SER C 234 -19.82 8.39 -1.71
C SER C 234 -21.09 8.98 -1.10
N ILE C 235 -21.09 9.15 0.22
CA ILE C 235 -22.24 9.74 0.91
C ILE C 235 -22.10 11.26 0.88
N ASP C 236 -20.87 11.78 1.05
CA ASP C 236 -20.60 13.23 1.06
C ASP C 236 -19.96 13.70 -0.23
N HIS C 237 -19.93 15.02 -0.42
CA HIS C 237 -19.31 15.60 -1.62
C HIS C 237 -17.81 15.37 -1.53
N VAL C 238 -17.19 14.94 -2.64
CA VAL C 238 -15.74 14.68 -2.73
C VAL C 238 -15.11 15.32 -3.97
N GLU C 239 -15.84 16.16 -4.72
CA GLU C 239 -15.33 16.81 -5.95
C GLU C 239 -14.01 17.50 -5.77
N TYR C 240 -13.88 18.22 -4.68
CA TYR C 240 -12.64 18.93 -4.41
C TYR C 240 -11.45 17.97 -4.29
N GLU C 241 -11.58 17.00 -3.40
CA GLU C 241 -10.53 16.01 -3.17
C GLU C 241 -10.23 15.15 -4.39
N LEU C 242 -11.26 14.77 -5.11
CA LEU C 242 -11.13 13.97 -6.31
C LEU C 242 -10.20 14.65 -7.31
N GLU C 243 -10.39 15.95 -7.59
CA GLU C 243 -9.53 16.66 -8.55
C GLU C 243 -8.19 16.97 -7.97
N GLU C 244 -8.12 17.31 -6.66
CA GLU C 244 -6.82 17.61 -6.02
C GLU C 244 -5.87 16.43 -5.99
N ILE C 245 -6.38 15.24 -5.67
CA ILE C 245 -5.55 14.01 -5.61
C ILE C 245 -5.02 13.66 -6.99
N LEU C 246 -5.89 13.71 -7.96
CA LEU C 246 -5.46 13.41 -9.34
C LEU C 246 -4.42 14.43 -9.79
N SER C 247 -4.66 15.70 -9.60
CA SER C 247 -3.73 16.77 -10.00
C SER C 247 -2.38 16.61 -9.31
N LYS C 248 -2.38 16.28 -8.02
CA LYS C 248 -1.15 16.08 -7.26
C LYS C 248 -0.34 14.95 -7.91
N ASN C 249 -1.00 13.86 -8.23
CA ASN C 249 -0.32 12.71 -8.83
C ASN C 249 0.21 13.02 -10.24
N ILE C 250 -0.51 13.83 -11.00
CA ILE C 250 -0.06 14.21 -12.35
C ILE C 250 1.22 15.06 -12.20
N SER C 251 1.22 15.98 -11.24
CA SER C 251 2.36 16.87 -11.00
CA SER C 251 2.36 16.88 -11.01
C SER C 251 3.65 16.15 -10.62
N ARG C 252 3.54 14.92 -10.11
CA ARG C 252 4.74 14.16 -9.71
C ARG C 252 5.54 13.70 -10.92
N VAL C 253 4.94 13.67 -12.12
CA VAL C 253 5.66 13.24 -13.34
C VAL C 253 6.79 14.21 -13.61
N ASP C 254 7.99 13.67 -13.81
CA ASP C 254 9.19 14.46 -14.10
C ASP C 254 9.91 13.81 -15.26
N SER C 255 10.09 14.55 -16.34
CA SER C 255 10.77 14.07 -17.54
C SER C 255 11.97 14.92 -17.83
N PHE C 256 13.08 14.29 -18.20
CA PHE C 256 14.30 15.05 -18.50
C PHE C 256 15.21 14.23 -19.41
N VAL C 257 16.06 14.92 -20.18
CA VAL C 257 17.00 14.24 -21.04
C VAL C 257 18.34 14.34 -20.32
N LYS C 258 18.95 13.20 -20.01
CA LYS C 258 20.24 13.18 -19.34
C LYS C 258 21.30 13.11 -20.46
N GLU C 259 22.19 14.08 -20.51
CA GLU C 259 23.22 14.06 -21.54
C GLU C 259 24.19 12.91 -21.30
N PHE C 260 24.56 12.20 -22.39
CA PHE C 260 25.50 11.09 -22.30
C PHE C 260 26.80 11.65 -22.85
N ASP C 261 27.76 11.93 -21.96
CA ASP C 261 29.05 12.49 -22.36
C ASP C 261 29.90 11.57 -23.26
N LYS C 262 30.41 12.13 -24.36
CA LYS C 262 31.23 11.44 -25.36
C LYS C 262 31.92 12.50 -26.26
N LEU C 263 33.02 12.12 -26.94
CA LEU C 263 33.78 13.01 -27.84
C LEU C 263 33.22 12.94 -29.27
N THR D 6 5.26 -5.57 -29.24
CA THR D 6 6.25 -6.43 -29.89
C THR D 6 6.24 -7.82 -29.25
N GLU D 7 7.01 -8.75 -29.82
CA GLU D 7 7.10 -10.13 -29.30
C GLU D 7 8.04 -10.25 -28.06
N SER D 8 8.66 -9.13 -27.62
CA SER D 8 9.55 -9.13 -26.45
C SER D 8 8.70 -8.99 -25.17
N VAL D 9 7.46 -8.55 -25.32
CA VAL D 9 6.55 -8.33 -24.24
C VAL D 9 5.32 -9.19 -24.41
N LYS D 10 4.89 -9.82 -23.33
CA LYS D 10 3.72 -10.68 -23.30
C LYS D 10 2.53 -9.96 -22.73
N THR D 11 1.34 -10.23 -23.25
CA THR D 11 0.09 -9.65 -22.75
C THR D 11 -0.67 -10.84 -22.25
N THR D 12 -1.10 -10.80 -21.00
CA THR D 12 -1.85 -11.88 -20.37
C THR D 12 -3.13 -11.34 -19.79
N ARG D 13 -4.26 -11.95 -20.15
CA ARG D 13 -5.56 -11.58 -19.65
C ARG D 13 -5.90 -12.64 -18.63
N SER D 14 -6.34 -12.26 -17.44
CA SER D 14 -6.64 -13.29 -16.45
C SER D 14 -7.75 -14.20 -16.93
N LYS D 15 -7.69 -15.47 -16.52
CA LYS D 15 -8.73 -16.43 -16.85
C LYS D 15 -9.95 -16.00 -16.02
N ILE D 16 -9.73 -15.55 -14.79
CA ILE D 16 -10.80 -15.11 -13.88
C ILE D 16 -11.44 -13.87 -14.49
N LYS D 17 -12.74 -13.93 -14.71
CA LYS D 17 -13.52 -12.83 -15.27
C LYS D 17 -14.20 -12.10 -14.15
N ILE D 18 -14.65 -10.90 -14.42
CA ILE D 18 -15.35 -10.10 -13.39
C ILE D 18 -16.57 -10.90 -12.89
N LYS D 19 -17.32 -11.53 -13.79
CA LYS D 19 -18.50 -12.31 -13.41
C LYS D 19 -18.18 -13.48 -12.46
N ASP D 20 -16.97 -14.03 -12.55
CA ASP D 20 -16.55 -15.14 -11.69
C ASP D 20 -16.36 -14.63 -10.26
N ILE D 21 -15.85 -13.41 -10.12
CA ILE D 21 -15.62 -12.80 -8.81
C ILE D 21 -17.01 -12.47 -8.24
N VAL D 22 -17.87 -11.91 -9.05
CA VAL D 22 -19.24 -11.58 -8.61
C VAL D 22 -19.90 -12.87 -8.14
N SER D 23 -19.80 -13.93 -8.94
CA SER D 23 -20.38 -15.24 -8.62
C SER D 23 -19.91 -15.76 -7.27
N ASP D 24 -18.60 -15.70 -7.04
CA ASP D 24 -18.02 -16.19 -5.79
C ASP D 24 -18.54 -15.43 -4.58
N VAL D 25 -18.69 -14.11 -4.70
CA VAL D 25 -19.19 -13.29 -3.60
C VAL D 25 -20.65 -13.56 -3.33
N VAL D 26 -21.48 -13.57 -4.39
CA VAL D 26 -22.92 -13.81 -4.20
CA VAL D 26 -22.91 -13.82 -4.26
C VAL D 26 -23.18 -15.21 -3.64
N GLU D 27 -22.40 -16.21 -4.06
CA GLU D 27 -22.56 -17.57 -3.57
C GLU D 27 -22.21 -17.63 -2.08
N LYS D 28 -21.20 -16.88 -1.62
CA LYS D 28 -20.83 -16.84 -0.20
C LYS D 28 -21.96 -16.26 0.61
N LYS D 29 -22.60 -15.19 0.12
CA LYS D 29 -23.71 -14.55 0.80
C LYS D 29 -24.89 -15.50 0.87
N ALA D 30 -25.21 -16.18 -0.24
CA ALA D 30 -26.31 -17.13 -0.27
C ALA D 30 -26.06 -18.30 0.69
N ASN D 31 -24.82 -18.80 0.74
CA ASN D 31 -24.50 -19.91 1.64
C ASN D 31 -24.55 -19.48 3.07
N ALA D 32 -24.19 -18.22 3.38
CA ALA D 32 -24.24 -17.71 4.76
C ALA D 32 -25.71 -17.71 5.21
N ILE D 33 -26.64 -17.31 4.33
CA ILE D 33 -28.06 -17.29 4.66
C ILE D 33 -28.53 -18.75 4.82
N LYS D 34 -28.17 -19.62 3.88
CA LYS D 34 -28.56 -21.04 3.93
C LYS D 34 -28.18 -21.63 5.27
N TYR D 35 -26.92 -21.44 5.67
CA TYR D 35 -26.42 -21.98 6.93
C TYR D 35 -27.24 -21.45 8.12
N PHE D 36 -27.54 -20.17 8.12
CA PHE D 36 -28.32 -19.56 9.20
C PHE D 36 -29.74 -20.10 9.29
N LEU D 37 -30.36 -20.40 8.14
CA LEU D 37 -31.73 -20.90 8.13
C LEU D 37 -31.86 -22.33 8.63
N GLU D 38 -30.76 -23.08 8.70
CA GLU D 38 -30.72 -24.46 9.21
C GLU D 38 -31.74 -25.41 8.61
N GLY D 39 -31.97 -25.27 7.30
CA GLY D 39 -32.91 -26.11 6.57
C GLY D 39 -34.38 -25.88 6.85
N GLU D 40 -34.75 -24.78 7.54
CA GLU D 40 -36.15 -24.49 7.83
C GLU D 40 -36.91 -24.24 6.52
N GLU D 41 -38.17 -24.68 6.46
CA GLU D 41 -39.03 -24.51 5.31
C GLU D 41 -39.96 -23.36 5.58
N PHE D 42 -40.23 -22.56 4.54
CA PHE D 42 -41.07 -21.39 4.62
C PHE D 42 -42.14 -21.40 3.53
N LYS D 43 -43.30 -20.81 3.84
CA LYS D 43 -44.40 -20.72 2.89
C LYS D 43 -44.20 -19.53 1.95
N GLN D 44 -43.68 -18.43 2.46
CA GLN D 44 -43.47 -17.25 1.63
C GLN D 44 -42.29 -16.43 2.08
N ALA D 45 -41.30 -16.28 1.19
CA ALA D 45 -40.12 -15.49 1.46
C ALA D 45 -40.20 -14.23 0.62
N ILE D 46 -39.83 -13.10 1.21
CA ILE D 46 -39.82 -11.81 0.51
C ILE D 46 -38.38 -11.29 0.64
N VAL D 47 -37.75 -11.02 -0.48
CA VAL D 47 -36.38 -10.52 -0.54
C VAL D 47 -36.43 -9.11 -1.10
N PHE D 48 -35.92 -8.10 -0.37
CA PHE D 48 -35.91 -6.73 -0.87
C PHE D 48 -34.53 -6.44 -1.46
N GLY D 49 -34.49 -6.00 -2.70
CA GLY D 49 -33.25 -5.66 -3.38
C GLY D 49 -32.74 -6.73 -4.31
N ALA D 50 -33.02 -6.58 -5.61
CA ALA D 50 -32.62 -7.53 -6.64
C ALA D 50 -31.16 -7.43 -7.03
N TYR D 51 -30.62 -6.22 -7.09
CA TYR D 51 -29.22 -6.02 -7.45
C TYR D 51 -28.37 -6.02 -6.16
N LEU D 52 -27.21 -6.67 -6.12
CA LEU D 52 -26.60 -7.52 -7.14
C LEU D 52 -26.76 -8.99 -6.69
N SER D 53 -26.59 -9.26 -5.41
CA SER D 53 -26.72 -10.64 -4.89
C SER D 53 -28.15 -11.12 -4.71
N GLY D 54 -29.12 -10.22 -4.69
CA GLY D 54 -30.52 -10.58 -4.49
C GLY D 54 -31.06 -11.62 -5.44
N SER D 55 -30.71 -11.51 -6.71
CA SER D 55 -31.18 -12.46 -7.72
C SER D 55 -30.80 -13.91 -7.37
N TYR D 56 -29.51 -14.15 -7.10
CA TYR D 56 -29.07 -15.51 -6.75
C TYR D 56 -29.61 -15.92 -5.36
N ILE D 57 -29.64 -14.99 -4.39
CA ILE D 57 -30.16 -15.33 -3.07
C ILE D 57 -31.60 -15.82 -3.22
N ALA D 58 -32.44 -15.09 -3.98
CA ALA D 58 -33.85 -15.49 -4.19
C ALA D 58 -33.89 -16.87 -4.83
N TYR D 59 -33.05 -17.11 -5.85
CA TYR D 59 -32.99 -18.41 -6.51
C TYR D 59 -32.63 -19.51 -5.47
N SER D 60 -31.67 -19.24 -4.57
CA SER D 60 -31.25 -20.21 -3.56
C SER D 60 -32.34 -20.58 -2.55
N LEU D 61 -33.34 -19.72 -2.38
CA LEU D 61 -34.44 -19.98 -1.44
C LEU D 61 -35.55 -20.84 -2.05
N LEU D 62 -35.57 -21.00 -3.37
CA LEU D 62 -36.62 -21.78 -4.05
C LEU D 62 -36.76 -23.21 -3.55
N LYS D 63 -35.66 -23.84 -3.17
CA LYS D 63 -35.65 -25.21 -2.66
C LYS D 63 -36.50 -25.38 -1.38
N ASP D 64 -36.33 -24.50 -0.37
CA ASP D 64 -37.05 -24.60 0.90
C ASP D 64 -38.21 -23.63 1.07
N CYS D 65 -38.48 -22.72 0.11
CA CYS D 65 -39.58 -21.78 0.23
C CYS D 65 -40.62 -22.06 -0.85
N GLU D 66 -41.90 -22.21 -0.47
CA GLU D 66 -42.98 -22.48 -1.42
C GLU D 66 -43.17 -21.36 -2.42
N GLU D 67 -42.99 -20.11 -1.96
CA GLU D 67 -43.11 -18.91 -2.79
C GLU D 67 -41.96 -17.98 -2.45
N VAL D 68 -41.28 -17.43 -3.46
CA VAL D 68 -40.16 -16.50 -3.28
C VAL D 68 -40.49 -15.27 -4.09
N ILE D 69 -40.53 -14.12 -3.43
CA ILE D 69 -40.86 -12.86 -4.06
C ILE D 69 -39.68 -11.91 -3.91
N ILE D 70 -39.23 -11.28 -5.00
CA ILE D 70 -38.16 -10.33 -5.00
C ILE D 70 -38.88 -8.99 -5.12
N VAL D 71 -38.55 -8.03 -4.27
CA VAL D 71 -39.16 -6.71 -4.31
C VAL D 71 -38.08 -5.69 -4.63
N ASP D 72 -38.34 -4.82 -5.61
CA ASP D 72 -37.39 -3.78 -5.94
C ASP D 72 -38.12 -2.51 -6.28
N ILE D 73 -37.53 -1.39 -5.89
CA ILE D 73 -38.08 -0.05 -6.16
C ILE D 73 -37.93 0.26 -7.65
N GLN D 74 -37.00 -0.39 -8.37
CA GLN D 74 -36.78 -0.19 -9.80
C GLN D 74 -37.47 -1.30 -10.58
N PRO D 75 -38.59 -1.05 -11.28
CA PRO D 75 -39.24 -2.14 -12.03
C PRO D 75 -38.40 -2.85 -13.08
N HIS D 76 -37.46 -2.16 -13.74
CA HIS D 76 -36.61 -2.77 -14.78
C HIS D 76 -35.69 -3.87 -14.21
N LEU D 77 -35.48 -3.92 -12.87
CA LEU D 77 -34.64 -4.95 -12.28
C LEU D 77 -35.28 -6.34 -12.34
N LYS D 78 -36.50 -6.49 -12.88
CA LYS D 78 -37.09 -7.82 -13.04
C LYS D 78 -36.16 -8.56 -14.03
N ASP D 79 -35.48 -7.81 -14.93
CA ASP D 79 -34.53 -8.34 -15.93
C ASP D 79 -33.30 -9.04 -15.33
N ILE D 80 -32.95 -8.77 -14.05
CA ILE D 80 -31.80 -9.42 -13.42
C ILE D 80 -32.16 -10.80 -12.83
N LEU D 81 -33.45 -11.19 -12.87
CA LEU D 81 -33.88 -12.49 -12.35
C LEU D 81 -33.70 -13.48 -13.50
N PHE D 82 -33.09 -14.63 -13.22
CA PHE D 82 -32.82 -15.68 -14.22
C PHE D 82 -33.67 -16.94 -14.03
N ASN D 83 -34.65 -16.91 -13.13
CA ASN D 83 -35.52 -18.05 -12.86
C ASN D 83 -36.95 -17.55 -12.82
N ASP D 84 -37.83 -18.15 -13.65
CA ASP D 84 -39.24 -17.77 -13.71
C ASP D 84 -40.02 -18.16 -12.44
N GLY D 85 -39.44 -18.99 -11.59
CA GLY D 85 -40.06 -19.41 -10.34
C GLY D 85 -40.09 -18.29 -9.32
N ILE D 86 -39.24 -17.25 -9.50
CA ILE D 86 -39.19 -16.11 -8.57
C ILE D 86 -40.18 -15.05 -9.03
N LYS D 87 -41.05 -14.64 -8.12
CA LYS D 87 -42.06 -13.62 -8.40
C LYS D 87 -41.39 -12.24 -8.19
N PHE D 88 -41.59 -11.32 -9.12
CA PHE D 88 -41.04 -9.98 -8.97
C PHE D 88 -42.21 -9.08 -8.67
N MET D 89 -42.00 -8.14 -7.77
CA MET D 89 -43.01 -7.15 -7.38
C MET D 89 -42.33 -5.83 -7.21
N ASP D 90 -42.82 -4.76 -7.81
CA ASP D 90 -42.15 -3.50 -7.57
C ASP D 90 -42.60 -3.04 -6.17
N LEU D 91 -41.86 -2.13 -5.53
CA LEU D 91 -42.17 -1.65 -4.19
C LEU D 91 -43.59 -1.10 -4.04
N ASN D 92 -44.06 -0.32 -5.02
CA ASN D 92 -45.42 0.26 -4.99
C ASN D 92 -46.49 -0.84 -5.00
N LYS D 93 -46.31 -1.91 -5.80
CA LYS D 93 -47.29 -3.00 -5.87
C LYS D 93 -47.25 -3.80 -4.56
N LEU D 94 -46.08 -3.93 -3.91
CA LEU D 94 -46.01 -4.65 -2.64
C LEU D 94 -46.81 -3.85 -1.61
N GLN D 95 -46.53 -2.56 -1.51
CA GLN D 95 -47.21 -1.67 -0.57
C GLN D 95 -48.73 -1.66 -0.79
N LEU D 96 -49.20 -1.71 -2.06
CA LEU D 96 -50.64 -1.72 -2.38
C LEU D 96 -51.25 -3.06 -1.95
N GLU D 97 -50.53 -4.16 -2.21
CA GLU D 97 -51.04 -5.50 -1.84
C GLU D 97 -51.09 -5.66 -0.33
N LEU D 98 -50.12 -5.07 0.40
CA LEU D 98 -50.10 -5.16 1.86
C LEU D 98 -51.31 -4.48 2.44
N ARG D 99 -51.68 -3.32 1.90
CA ARG D 99 -52.83 -2.56 2.38
C ARG D 99 -54.17 -3.10 1.91
N ASN D 100 -54.28 -3.44 0.63
CA ASN D 100 -55.53 -3.90 0.05
C ASN D 100 -55.81 -5.38 0.06
N GLY D 101 -54.82 -6.21 0.33
CA GLY D 101 -55.04 -7.65 0.33
C GLY D 101 -54.54 -8.40 1.54
N THR D 102 -54.55 -9.72 1.39
CA THR D 102 -54.11 -10.67 2.42
C THR D 102 -53.07 -11.67 1.85
N SER D 103 -52.60 -11.49 0.58
CA SER D 103 -51.63 -12.39 -0.04
C SER D 103 -50.21 -12.21 0.46
N ILE D 104 -49.87 -11.03 1.05
CA ILE D 104 -48.53 -10.76 1.57
C ILE D 104 -48.49 -10.96 3.08
N ASN D 105 -47.88 -12.08 3.52
CA ASN D 105 -47.72 -12.42 4.93
C ASN D 105 -46.52 -13.35 4.98
N PRO D 106 -45.32 -12.80 4.74
CA PRO D 106 -44.13 -13.63 4.73
C PRO D 106 -43.67 -14.19 6.06
N ASP D 107 -43.16 -15.43 6.03
CA ASP D 107 -42.63 -16.09 7.21
C ASP D 107 -41.09 -15.91 7.17
N LEU D 108 -40.53 -15.47 6.02
CA LEU D 108 -39.09 -15.19 5.88
C LEU D 108 -38.98 -13.84 5.18
N VAL D 109 -38.28 -12.89 5.78
CA VAL D 109 -38.06 -11.56 5.18
C VAL D 109 -36.55 -11.34 5.13
N ILE D 110 -36.03 -10.95 3.96
CA ILE D 110 -34.60 -10.68 3.79
C ILE D 110 -34.44 -9.31 3.17
N ASP D 111 -33.77 -8.38 3.87
CA ASP D 111 -33.55 -7.03 3.37
C ASP D 111 -32.09 -6.90 2.90
N LEU D 112 -31.88 -6.78 1.59
CA LEU D 112 -30.55 -6.64 1.01
C LEU D 112 -30.36 -5.25 0.39
N THR D 113 -31.23 -4.29 0.72
CA THR D 113 -31.16 -2.94 0.13
C THR D 113 -30.01 -2.09 0.60
N GLY D 114 -29.49 -2.30 1.79
CA GLY D 114 -28.37 -1.49 2.23
C GLY D 114 -28.67 -0.02 2.44
N ILE D 115 -27.65 0.79 2.21
CA ILE D 115 -27.72 2.24 2.40
C ILE D 115 -28.83 2.92 1.62
N GLY D 116 -29.64 3.67 2.33
CA GLY D 116 -30.77 4.40 1.75
C GLY D 116 -31.88 3.52 1.22
N GLY D 117 -31.92 2.28 1.70
CA GLY D 117 -32.89 1.29 1.29
C GLY D 117 -34.23 1.27 1.99
N VAL D 118 -34.73 0.07 2.26
CA VAL D 118 -36.03 -0.14 2.91
C VAL D 118 -36.12 0.52 4.25
N SER D 119 -37.29 1.04 4.54
CA SER D 119 -37.47 1.71 5.81
C SER D 119 -37.86 0.75 6.91
N PRO D 120 -37.43 1.03 8.15
CA PRO D 120 -37.86 0.15 9.27
C PRO D 120 -39.40 0.12 9.36
N ASP D 121 -40.09 1.22 8.94
CA ASP D 121 -41.55 1.32 8.95
CA ASP D 121 -41.55 1.31 8.96
C ASP D 121 -42.17 0.22 8.08
N LEU D 122 -41.61 -0.03 6.88
CA LEU D 122 -42.16 -1.07 6.00
C LEU D 122 -41.86 -2.44 6.62
N ILE D 123 -40.63 -2.64 7.14
CA ILE D 123 -40.27 -3.93 7.74
C ILE D 123 -41.21 -4.24 8.93
N SER D 124 -41.54 -3.21 9.71
CA SER D 124 -42.43 -3.36 10.88
C SER D 124 -43.84 -3.89 10.54
N LYS D 125 -44.26 -3.85 9.26
CA LYS D 125 -45.58 -4.35 8.85
C LYS D 125 -45.61 -5.86 8.74
N PHE D 126 -44.46 -6.53 8.79
CA PHE D 126 -44.38 -7.99 8.70
C PHE D 126 -44.25 -8.62 10.06
N ASN D 127 -44.54 -9.92 10.14
CA ASN D 127 -44.43 -10.69 11.37
C ASN D 127 -43.89 -12.05 10.94
N PRO D 128 -42.63 -12.08 10.46
CA PRO D 128 -42.08 -13.36 9.99
C PRO D 128 -41.47 -14.22 11.09
N LYS D 129 -41.19 -15.48 10.75
CA LYS D 129 -40.54 -16.40 11.68
C LYS D 129 -39.07 -15.97 11.72
N VAL D 130 -38.53 -15.58 10.56
CA VAL D 130 -37.14 -15.16 10.43
C VAL D 130 -37.00 -13.84 9.66
N LEU D 131 -36.14 -12.95 10.17
CA LEU D 131 -35.83 -11.68 9.52
C LEU D 131 -34.32 -11.62 9.38
N ILE D 132 -33.82 -11.33 8.20
CA ILE D 132 -32.38 -11.19 7.95
C ILE D 132 -32.20 -9.83 7.31
N VAL D 133 -31.30 -9.00 7.84
CA VAL D 133 -31.03 -7.69 7.29
C VAL D 133 -29.56 -7.67 6.91
N GLU D 134 -29.24 -7.28 5.70
CA GLU D 134 -27.83 -7.21 5.30
C GLU D 134 -27.25 -5.92 5.82
N ASP D 135 -26.11 -6.03 6.50
CA ASP D 135 -25.40 -4.89 7.04
C ASP D 135 -24.52 -4.37 5.90
N PRO D 136 -24.74 -3.17 5.39
CA PRO D 136 -23.89 -2.65 4.30
C PRO D 136 -22.51 -2.18 4.72
N LYS D 137 -22.28 -2.05 6.02
CA LYS D 137 -21.01 -1.58 6.52
C LYS D 137 -19.92 -2.59 6.39
N GLY D 138 -18.76 -2.10 6.01
CA GLY D 138 -17.57 -2.92 5.86
C GLY D 138 -16.71 -2.49 6.99
N ASN D 139 -15.51 -2.05 6.69
CA ASN D 139 -14.62 -1.62 7.74
C ASN D 139 -15.01 -0.21 8.15
N HIS D 140 -14.49 0.24 9.26
CA HIS D 140 -14.91 1.53 9.78
C HIS D 140 -14.71 2.76 8.94
N ASP D 141 -15.82 3.50 8.82
CA ASP D 141 -15.90 4.76 8.12
C ASP D 141 -16.99 5.57 8.86
N LYS D 142 -16.62 6.72 9.40
CA LYS D 142 -17.57 7.57 10.15
C LYS D 142 -18.82 7.95 9.35
N GLY D 143 -18.66 8.35 8.08
CA GLY D 143 -19.80 8.75 7.25
C GLY D 143 -20.76 7.62 6.94
N ILE D 144 -20.19 6.47 6.65
CA ILE D 144 -21.02 5.30 6.34
C ILE D 144 -21.72 4.84 7.60
N SER D 145 -21.01 4.79 8.70
CA SER D 145 -21.64 4.39 9.95
C SER D 145 -22.83 5.32 10.34
N LYS D 146 -22.67 6.62 10.12
CA LYS D 146 -23.71 7.60 10.45
C LYS D 146 -25.01 7.41 9.66
N ILE D 147 -24.91 7.14 8.35
CA ILE D 147 -26.11 6.95 7.50
C ILE D 147 -26.73 5.55 7.63
N ASP D 148 -25.96 4.58 8.12
CA ASP D 148 -26.43 3.23 8.29
C ASP D 148 -27.52 3.12 9.39
N ASN D 149 -28.59 2.37 9.16
CA ASN D 149 -29.68 2.18 10.15
C ASN D 149 -30.06 0.69 10.25
N THR D 150 -29.11 -0.21 10.02
CA THR D 150 -29.33 -1.65 10.07
C THR D 150 -30.02 -2.08 11.35
N ASP D 151 -29.55 -1.60 12.50
CA ASP D 151 -30.14 -1.98 13.79
C ASP D 151 -31.62 -1.57 13.89
N LYS D 152 -31.99 -0.43 13.32
CA LYS D 152 -33.39 0.01 13.36
C LYS D 152 -34.27 -0.89 12.47
N ARG D 153 -33.69 -1.50 11.42
CA ARG D 153 -34.45 -2.38 10.54
C ARG D 153 -34.71 -3.74 11.16
N LEU D 154 -33.93 -4.18 12.17
CA LEU D 154 -34.12 -5.50 12.82
C LEU D 154 -35.17 -5.31 13.90
N CYS D 155 -36.41 -5.02 13.47
CA CYS D 155 -37.49 -4.73 14.39
C CYS D 155 -38.61 -5.78 14.45
N VAL D 156 -38.54 -6.87 13.67
CA VAL D 156 -39.57 -7.92 13.68
C VAL D 156 -38.88 -9.26 13.53
N GLY D 157 -39.64 -10.33 13.73
CA GLY D 157 -39.17 -11.70 13.60
C GLY D 157 -38.81 -12.41 14.89
N ALA D 158 -39.19 -13.70 14.96
CA ALA D 158 -38.91 -14.54 16.13
C ALA D 158 -37.41 -14.84 16.17
N LYS D 159 -36.76 -14.96 15.00
CA LYS D 159 -35.33 -15.22 14.86
C LYS D 159 -34.83 -14.09 13.94
N LYS D 160 -33.81 -13.36 14.38
CA LYS D 160 -33.24 -12.23 13.63
C LYS D 160 -31.77 -12.43 13.36
N GLY D 161 -31.32 -12.04 12.19
CA GLY D 161 -29.93 -12.17 11.82
C GLY D 161 -29.46 -11.01 10.98
N VAL D 162 -28.17 -10.71 11.06
CA VAL D 162 -27.55 -9.62 10.30
C VAL D 162 -26.52 -10.26 9.40
N LEU D 163 -26.66 -10.11 8.07
CA LEU D 163 -25.72 -10.67 7.10
C LEU D 163 -24.56 -9.72 6.97
N LYS D 164 -23.37 -10.21 7.29
CA LYS D 164 -22.12 -9.42 7.25
C LYS D 164 -21.16 -10.03 6.28
N THR D 165 -20.46 -9.22 5.51
CA THR D 165 -19.49 -9.73 4.53
C THR D 165 -18.28 -8.83 4.54
N TYR D 166 -17.10 -9.41 4.73
CA TYR D 166 -15.83 -8.70 4.79
C TYR D 166 -14.76 -9.44 4.04
N ARG D 167 -13.62 -8.78 3.85
CA ARG D 167 -12.45 -9.39 3.21
C ARG D 167 -11.48 -9.55 4.37
N SER D 168 -11.19 -10.78 4.72
CA SER D 168 -10.29 -11.08 5.81
C SER D 168 -8.95 -10.43 5.56
N SER D 169 -8.45 -9.67 6.57
CA SER D 169 -7.16 -8.97 6.54
C SER D 169 -7.02 -7.87 5.51
N LYS D 170 -8.14 -7.44 4.88
CA LYS D 170 -8.08 -6.40 3.88
C LYS D 170 -9.14 -5.37 4.17
N PHE D 171 -8.94 -4.14 3.70
CA PHE D 171 -9.89 -3.04 3.92
C PHE D 171 -10.89 -2.85 2.78
N SER D 172 -12.18 -2.78 3.12
CA SER D 172 -13.28 -2.51 2.22
C SER D 172 -14.24 -1.65 2.95
N LYS D 173 -14.75 -0.63 2.30
CA LYS D 173 -15.70 0.31 2.91
C LYS D 173 -17.08 -0.22 3.11
N THR D 174 -17.51 -1.17 2.29
CA THR D 174 -18.84 -1.73 2.40
C THR D 174 -18.78 -3.21 2.14
N SER D 175 -19.91 -3.87 2.40
CA SER D 175 -20.08 -5.30 2.17
C SER D 175 -20.80 -5.53 0.83
N GLY D 176 -21.07 -4.45 0.07
CA GLY D 176 -21.75 -4.53 -1.21
C GLY D 176 -20.99 -5.41 -2.16
N THR D 177 -21.69 -6.29 -2.88
CA THR D 177 -21.07 -7.21 -3.81
C THR D 177 -20.13 -6.49 -4.77
N MET D 178 -20.59 -5.42 -5.41
CA MET D 178 -19.82 -4.60 -6.38
C MET D 178 -18.54 -4.01 -5.76
N THR D 179 -18.65 -3.46 -4.57
CA THR D 179 -17.52 -2.84 -3.86
C THR D 179 -16.47 -3.91 -3.58
N LEU D 180 -16.94 -5.07 -3.10
CA LEU D 180 -16.02 -6.16 -2.77
C LEU D 180 -15.28 -6.63 -4.02
N VAL D 181 -15.98 -6.72 -5.14
CA VAL D 181 -15.36 -7.17 -6.41
C VAL D 181 -14.33 -6.13 -6.85
N VAL D 182 -14.69 -4.86 -6.82
CA VAL D 182 -13.77 -3.80 -7.21
C VAL D 182 -12.52 -3.84 -6.33
N ASP D 183 -12.71 -3.97 -5.02
CA ASP D 183 -11.59 -4.01 -4.05
C ASP D 183 -10.70 -5.22 -4.27
N ILE D 184 -11.26 -6.39 -4.59
CA ILE D 184 -10.47 -7.59 -4.87
C ILE D 184 -9.59 -7.33 -6.10
N ILE D 185 -10.16 -6.75 -7.12
CA ILE D 185 -9.43 -6.47 -8.35
C ILE D 185 -8.35 -5.43 -8.13
N MET D 186 -8.68 -4.35 -7.43
CA MET D 186 -7.73 -3.28 -7.15
C MET D 186 -6.56 -3.81 -6.34
N ASP D 187 -6.83 -4.54 -5.24
CA ASP D 187 -5.76 -5.09 -4.42
C ASP D 187 -4.93 -6.07 -5.18
N SER D 188 -5.57 -6.86 -6.07
CA SER D 188 -4.84 -7.83 -6.89
C SER D 188 -3.90 -7.11 -7.83
N CYS D 189 -4.35 -6.03 -8.49
CA CYS D 189 -3.51 -5.24 -9.41
C CYS D 189 -2.28 -4.71 -8.72
N ARG D 190 -2.45 -4.17 -7.53
CA ARG D 190 -1.31 -3.62 -6.80
CA ARG D 190 -1.31 -3.63 -6.78
C ARG D 190 -0.25 -4.69 -6.55
N GLU D 191 -0.65 -5.89 -6.14
CA GLU D 191 0.31 -6.96 -5.89
C GLU D 191 0.91 -7.51 -7.19
N ILE D 192 0.09 -7.64 -8.23
CA ILE D 192 0.56 -8.15 -9.51
C ILE D 192 1.62 -7.21 -10.09
N ASN D 193 1.41 -5.91 -9.93
CA ASN D 193 2.36 -4.94 -10.46
C ASN D 193 3.77 -5.10 -9.88
N GLU D 194 3.88 -5.60 -8.63
CA GLU D 194 5.15 -5.83 -7.96
C GLU D 194 5.82 -7.15 -8.32
N LEU D 195 5.22 -7.94 -9.22
CA LEU D 195 5.83 -9.18 -9.63
C LEU D 195 6.98 -8.81 -10.55
N ASP D 196 8.09 -9.56 -10.49
CA ASP D 196 9.20 -9.27 -11.36
C ASP D 196 8.78 -9.42 -12.81
N SER D 197 9.30 -8.54 -13.68
CA SER D 197 9.08 -8.49 -15.12
C SER D 197 7.79 -7.85 -15.55
N VAL D 198 6.87 -7.49 -14.63
CA VAL D 198 5.63 -6.86 -15.03
C VAL D 198 5.89 -5.38 -15.40
N LEU D 199 5.37 -4.95 -16.57
CA LEU D 199 5.50 -3.57 -17.07
CA LEU D 199 5.50 -3.56 -17.06
C LEU D 199 4.34 -2.75 -16.53
N TYR D 200 3.13 -3.30 -16.64
CA TYR D 200 1.95 -2.65 -16.17
C TYR D 200 0.83 -3.65 -16.01
N THR D 201 -0.13 -3.25 -15.22
CA THR D 201 -1.29 -4.04 -14.84
C THR D 201 -2.51 -3.19 -14.97
N ILE D 202 -3.48 -3.62 -15.74
CA ILE D 202 -4.68 -2.83 -15.91
C ILE D 202 -5.92 -3.54 -15.47
N PRO D 203 -6.69 -2.95 -14.56
CA PRO D 203 -7.95 -3.59 -14.14
C PRO D 203 -9.00 -3.24 -15.19
N ASN D 204 -9.90 -4.16 -15.49
CA ASN D 204 -10.92 -3.87 -16.47
C ASN D 204 -12.11 -3.42 -15.69
N LEU D 205 -12.16 -2.15 -15.36
CA LEU D 205 -13.25 -1.61 -14.56
C LEU D 205 -13.90 -0.42 -15.19
N LYS D 206 -15.16 -0.23 -14.83
CA LYS D 206 -15.95 0.90 -15.29
C LYS D 206 -17.07 1.08 -14.30
N TYR D 207 -17.85 2.14 -14.45
CA TYR D 207 -18.95 2.40 -13.53
C TYR D 207 -20.13 1.49 -13.90
N PHE D 208 -20.05 0.25 -13.46
CA PHE D 208 -21.09 -0.75 -13.78
C PHE D 208 -22.48 -0.39 -13.29
N GLU D 209 -22.54 0.15 -12.11
CA GLU D 209 -23.80 0.54 -11.51
C GLU D 209 -24.55 1.50 -12.44
N GLY D 210 -23.82 2.33 -13.18
CA GLY D 210 -24.43 3.27 -14.11
C GLY D 210 -25.17 2.58 -15.24
N THR D 211 -24.65 1.44 -15.69
CA THR D 211 -25.28 0.65 -16.76
C THR D 211 -26.60 0.09 -16.26
N VAL D 212 -26.63 -0.30 -14.99
CA VAL D 212 -27.85 -0.86 -14.43
C VAL D 212 -28.87 0.15 -14.01
N PHE D 213 -28.46 1.19 -13.28
CA PHE D 213 -29.42 2.17 -12.76
C PHE D 213 -29.68 3.42 -13.57
N HIS D 214 -28.74 3.88 -14.40
CA HIS D 214 -28.96 5.10 -15.19
C HIS D 214 -29.33 4.70 -16.60
N GLU D 215 -28.57 3.77 -17.23
CA GLU D 215 -28.91 3.34 -18.59
C GLU D 215 -30.06 2.32 -18.52
N LYS D 216 -30.34 1.74 -17.34
CA LYS D 216 -31.39 0.74 -17.12
C LYS D 216 -31.26 -0.39 -18.13
N ASN D 217 -30.02 -0.90 -18.25
CA ASN D 217 -29.72 -1.95 -19.19
C ASN D 217 -29.00 -3.12 -18.54
N VAL D 218 -29.78 -4.05 -17.96
CA VAL D 218 -29.25 -5.24 -17.28
C VAL D 218 -28.47 -6.14 -18.26
N LYS D 219 -28.96 -6.34 -19.48
CA LYS D 219 -28.25 -7.19 -20.45
C LYS D 219 -26.85 -6.68 -20.74
N LYS D 220 -26.72 -5.36 -20.99
CA LYS D 220 -25.42 -4.74 -21.25
C LYS D 220 -24.51 -4.90 -20.02
N PHE D 221 -25.07 -4.74 -18.81
CA PHE D 221 -24.29 -4.89 -17.57
C PHE D 221 -23.73 -6.31 -17.48
N LEU D 222 -24.56 -7.31 -17.74
CA LEU D 222 -24.11 -8.71 -17.67
C LEU D 222 -23.02 -8.97 -18.68
N THR D 223 -23.09 -8.33 -19.87
CA THR D 223 -22.07 -8.47 -20.91
C THR D 223 -20.79 -7.85 -20.41
N GLU D 224 -20.87 -6.70 -19.73
CA GLU D 224 -19.70 -6.01 -19.18
C GLU D 224 -18.96 -6.86 -18.15
N LEU D 225 -19.68 -7.74 -17.40
CA LEU D 225 -19.03 -8.61 -16.40
C LEU D 225 -18.34 -9.77 -17.06
N ASN D 226 -18.72 -10.06 -18.30
CA ASN D 226 -18.15 -11.16 -19.05
C ASN D 226 -16.84 -10.78 -19.72
N MET D 227 -15.84 -10.48 -18.90
CA MET D 227 -14.53 -10.13 -19.38
C MET D 227 -13.47 -10.32 -18.29
N SER D 228 -12.23 -10.54 -18.73
CA SER D 228 -11.11 -10.75 -17.81
C SER D 228 -11.05 -9.62 -16.78
N ALA D 229 -10.82 -9.97 -15.55
CA ALA D 229 -10.72 -8.97 -14.49
C ALA D 229 -9.49 -8.08 -14.65
N ILE D 230 -8.35 -8.68 -15.09
CA ILE D 230 -7.10 -7.93 -15.24
C ILE D 230 -6.33 -8.34 -16.48
N THR D 231 -5.62 -7.36 -17.05
CA THR D 231 -4.75 -7.53 -18.19
C THR D 231 -3.36 -7.13 -17.70
N VAL D 232 -2.35 -7.96 -17.95
CA VAL D 232 -0.99 -7.71 -17.52
C VAL D 232 -0.05 -7.71 -18.70
N SER D 233 0.92 -6.78 -18.68
CA SER D 233 1.96 -6.66 -19.69
C SER D 233 3.22 -7.06 -18.96
N SER D 234 3.98 -8.05 -19.44
CA SER D 234 5.19 -8.48 -18.75
C SER D 234 6.21 -9.10 -19.67
N ILE D 235 7.45 -9.25 -19.20
CA ILE D 235 8.50 -9.86 -20.00
C ILE D 235 8.44 -11.38 -19.79
N ASP D 236 8.13 -11.84 -18.57
CA ASP D 236 8.06 -13.27 -18.24
C ASP D 236 6.63 -13.76 -18.12
N HIS D 237 6.46 -15.10 -18.10
CA HIS D 237 5.14 -15.71 -17.95
C HIS D 237 4.69 -15.41 -16.55
N VAL D 238 3.45 -14.98 -16.38
CA VAL D 238 2.87 -14.65 -15.07
C VAL D 238 1.49 -15.26 -14.88
N GLU D 239 1.04 -16.17 -15.76
CA GLU D 239 -0.29 -16.77 -15.65
C GLU D 239 -0.58 -17.39 -14.28
N TYR D 240 0.34 -18.23 -13.74
CA TYR D 240 0.06 -18.85 -12.44
C TYR D 240 0.05 -17.82 -11.34
N GLU D 241 0.95 -16.85 -11.42
CA GLU D 241 1.02 -15.79 -10.41
C GLU D 241 -0.22 -14.92 -10.41
N LEU D 242 -0.72 -14.59 -11.61
CA LEU D 242 -1.93 -13.78 -11.75
C LEU D 242 -3.11 -14.54 -11.07
N GLU D 243 -3.22 -15.83 -11.34
CA GLU D 243 -4.26 -16.67 -10.76
C GLU D 243 -4.10 -16.81 -9.24
N GLU D 244 -2.86 -16.95 -8.76
CA GLU D 244 -2.59 -17.08 -7.33
C GLU D 244 -3.04 -15.86 -6.55
N ILE D 245 -2.70 -14.67 -7.04
CA ILE D 245 -3.07 -13.40 -6.42
C ILE D 245 -4.58 -13.16 -6.42
N LEU D 246 -5.22 -13.30 -7.58
CA LEU D 246 -6.67 -13.08 -7.67
C LEU D 246 -7.42 -14.07 -6.82
N SER D 247 -7.12 -15.35 -6.95
CA SER D 247 -7.80 -16.40 -6.20
C SER D 247 -7.61 -16.19 -4.71
N LYS D 248 -6.42 -15.80 -4.27
CA LYS D 248 -6.23 -15.58 -2.83
C LYS D 248 -7.10 -14.41 -2.35
N ASN D 249 -7.20 -13.35 -3.16
CA ASN D 249 -8.03 -12.21 -2.77
C ASN D 249 -9.50 -12.57 -2.75
N ILE D 250 -9.95 -13.45 -3.66
CA ILE D 250 -11.35 -13.86 -3.66
C ILE D 250 -11.62 -14.71 -2.40
N SER D 251 -10.69 -15.60 -2.05
CA SER D 251 -10.83 -16.49 -0.89
CA SER D 251 -10.86 -16.48 -0.89
C SER D 251 -10.93 -15.75 0.42
N ARG D 252 -10.45 -14.48 0.47
CA ARG D 252 -10.48 -13.69 1.67
CA ARG D 252 -10.49 -13.70 1.69
C ARG D 252 -11.91 -13.28 2.03
N VAL D 253 -12.84 -13.27 1.06
CA VAL D 253 -14.24 -12.90 1.32
C VAL D 253 -14.84 -13.88 2.30
N ASP D 254 -15.43 -13.35 3.37
CA ASP D 254 -16.06 -14.15 4.40
C ASP D 254 -17.42 -13.54 4.69
N SER D 255 -18.45 -14.32 4.50
CA SER D 255 -19.83 -13.88 4.72
C SER D 255 -20.47 -14.76 5.78
N PHE D 256 -21.20 -14.16 6.70
CA PHE D 256 -21.88 -14.91 7.76
C PHE D 256 -23.05 -14.12 8.30
N VAL D 257 -24.06 -14.83 8.84
CA VAL D 257 -25.21 -14.18 9.42
C VAL D 257 -24.98 -14.25 10.91
N LYS D 258 -24.94 -13.11 11.58
CA LYS D 258 -24.76 -13.06 13.02
C LYS D 258 -26.15 -13.02 13.62
N GLU D 259 -26.47 -14.00 14.46
CA GLU D 259 -27.79 -14.01 15.09
C GLU D 259 -27.90 -12.84 16.08
N PHE D 260 -29.03 -12.12 16.05
CA PHE D 260 -29.29 -11.00 16.95
C PHE D 260 -30.23 -11.55 18.02
N ASP D 261 -29.69 -11.85 19.21
CA ASP D 261 -30.50 -12.39 20.29
C ASP D 261 -31.55 -11.37 20.80
N LYS D 262 -32.82 -11.80 20.85
CA LYS D 262 -33.98 -11.02 21.32
C LYS D 262 -34.77 -12.01 22.16
N LEU D 263 -34.63 -11.95 23.50
CA LEU D 263 -35.32 -12.88 24.41
C LEU D 263 -36.77 -12.55 24.67
#